data_2R04
#
_entry.id   2R04
#
_cell.length_a   445.100
_cell.length_b   445.100
_cell.length_c   445.100
_cell.angle_alpha   90.00
_cell.angle_beta   90.00
_cell.angle_gamma   90.00
#
_symmetry.space_group_name_H-M   'P 21 3'
#
loop_
_entity.id
_entity.type
_entity.pdbx_description
1 polymer 'HUMAN RHINOVIRUS 14 COAT PROTEIN (SUBUNIT VP1)'
2 polymer 'HUMAN RHINOVIRUS 14 COAT PROTEIN (SUBUNIT VP2)'
3 polymer 'HUMAN RHINOVIRUS 14 COAT PROTEIN (SUBUNIT VP3)'
4 polymer 'HUMAN RHINOVIRUS 14 COAT PROTEIN (SUBUNIT VP4)'
5 non-polymer '5-(7-(4-(4,5-DIHYDRO-2-OXAZOLYL)PHENOXY)HEPTYL)-3-METHYL ISOXAZOLE'
6 water water
#
loop_
_entity_poly.entity_id
_entity_poly.type
_entity_poly.pdbx_seq_one_letter_code
_entity_poly.pdbx_strand_id
1 'polypeptide(L)'
;GLGDELEEVIVEKTKQTVASISSGPKHTQKVPILTANETGATMPVLPSDSIETRTTYMHFNGSETDVECFLGRAACVHVT
EIQNKDATGIDNHREAKLFNDWKINLSSLVQLRKKLELFTYVRFDSEYTILATASQPDSANYSSNLVVQAMYVPPGAPNP
KEWDDYTWQSASNPSVFFKVGDTSRFSVPYVGLASAYNCFYDGYSHDDAETQYGITVLNHMGSMAFRIVNEHDEHKTLVK
IRVYHRAKHVEAWIPRAPRALPYTSIGRTNYPKNTEPVIKKRKGDIKSY
;
1
2 'polypeptide(L)'
;SPNVEACGYSDRVQQITLGNSTITTQEAANAVVCYAEWPEYLPDVDASDVNKTSKPDTSVCRFYTLDSKTWTTGSKGWCW
KLPDALKDMGVFGQNMFFHSLGRSGYTVHVQCNATKFHSGCLLVVVIPEHQLASHEGGNVSVKYTFTHPGERGIDLSSAN
EVGGPVKDVLYNMNGTLLGNLLIFPHQFINLRTNNTATIVIPYINSVPIDSMTRHNNVSLMVIPIAPLTVPTGATPSLPI
TVTIAPMCTEFSGIRSKSIVPQ
;
2
3 'polypeptide(L)'
;GLPTTTLPGSGQFLTTDDRQSPSALPNYEPTPRIHIPGKVHNLLEIIQVDTLIPMNNTHTKDEVNSYLIPLNANRQNEQV
FGTNLFIGDGVFKTTLLGEIVQYYTHWSGSLRFSLMYTGPALSSAKLILAYTPPGARGPQDRREAMLGTHVVWDIGLQST
IVMTIPWTSGVQFRYTDPDTYTSAGFLSCWYQTSLILPPETTGQVYLLSFISACPDFKLRLMKDTQTISQTVALTE
;
3
4 'polypeptide(L)' GAQVSTQKSGSHENQNILTNGSNQTFTVINYYKDAASTSSAGQSLSMDPSKFTEPVKDLMLKGAPALN 4
#
# COMPACT_ATOMS: atom_id res chain seq x y z
N THR A 17 -4.03 30.78 -3.38
CA THR A 17 -4.90 29.65 -3.67
C THR A 17 -6.30 29.47 -3.04
N VAL A 18 -7.35 29.25 -3.88
CA VAL A 18 -8.62 29.20 -3.11
C VAL A 18 -8.87 27.78 -2.66
N ALA A 19 -9.31 27.65 -1.42
CA ALA A 19 -9.70 26.37 -0.85
C ALA A 19 -11.16 26.08 -1.18
N SER A 20 -11.90 27.14 -1.31
CA SER A 20 -13.34 26.95 -1.67
C SER A 20 -13.70 28.21 -2.44
N ILE A 21 -14.50 28.07 -3.49
CA ILE A 21 -14.96 29.25 -4.19
C ILE A 21 -16.40 29.56 -3.65
N SER A 22 -16.88 30.69 -4.09
CA SER A 22 -18.23 31.06 -3.63
C SER A 22 -19.24 30.34 -4.45
N SER A 23 -20.23 29.72 -4.04
CA SER A 23 -21.16 29.06 -5.08
C SER A 23 -22.53 29.21 -4.57
N GLY A 24 -23.57 29.33 -5.34
CA GLY A 24 -24.96 29.62 -4.79
C GLY A 24 -25.90 28.53 -5.17
N PRO A 25 -27.20 28.79 -5.17
CA PRO A 25 -28.23 27.76 -5.42
C PRO A 25 -27.97 27.14 -6.79
N LYS A 26 -28.33 26.00 -7.13
CA LYS A 26 -28.19 25.21 -8.36
C LYS A 26 -29.51 24.55 -8.74
N HIS A 27 -29.97 24.46 -9.92
CA HIS A 27 -31.23 23.67 -10.26
C HIS A 27 -30.87 23.16 -11.66
N THR A 28 -30.00 22.26 -11.86
CA THR A 28 -29.52 21.79 -13.06
C THR A 28 -29.83 20.34 -13.45
N GLN A 29 -29.37 20.09 -14.65
CA GLN A 29 -29.49 18.88 -15.41
C GLN A 29 -28.05 18.31 -15.36
N LYS A 30 -27.22 19.03 -14.69
CA LYS A 30 -25.76 18.66 -14.64
C LYS A 30 -25.44 18.29 -13.21
N VAL A 31 -25.47 17.03 -12.84
CA VAL A 31 -25.32 16.59 -11.44
C VAL A 31 -23.97 16.05 -11.15
N PRO A 32 -23.02 16.79 -10.62
CA PRO A 32 -21.69 16.29 -10.35
C PRO A 32 -21.62 15.28 -9.22
N ILE A 33 -22.65 15.11 -8.41
CA ILE A 33 -22.53 14.20 -7.28
C ILE A 33 -23.02 12.82 -7.62
N LEU A 34 -23.53 12.50 -8.77
CA LEU A 34 -23.96 11.11 -9.07
C LEU A 34 -22.84 10.46 -9.84
N THR A 35 -22.23 9.43 -9.41
CA THR A 35 -21.16 8.83 -10.25
C THR A 35 -21.29 7.37 -10.34
N ALA A 36 -20.40 6.60 -10.90
CA ALA A 36 -20.41 5.13 -10.96
C ALA A 36 -19.09 4.61 -10.41
N ASN A 37 -18.89 4.29 -9.17
CA ASN A 37 -17.64 3.90 -8.57
C ASN A 37 -17.11 2.62 -9.16
N GLU A 38 -17.95 1.96 -9.97
CA GLU A 38 -17.49 0.70 -10.51
C GLU A 38 -16.34 0.91 -11.47
N THR A 39 -16.15 2.14 -11.91
CA THR A 39 -15.18 2.51 -12.94
C THR A 39 -13.79 2.51 -12.39
N GLY A 40 -13.63 2.68 -11.08
CA GLY A 40 -12.32 2.68 -10.48
C GLY A 40 -11.87 4.10 -10.29
N ALA A 41 -12.64 5.08 -10.64
CA ALA A 41 -12.12 6.48 -10.42
C ALA A 41 -12.56 7.04 -9.11
N THR A 42 -11.91 8.01 -8.50
CA THR A 42 -12.50 8.81 -7.39
C THR A 42 -12.72 10.20 -7.99
N MET A 43 -13.93 10.43 -8.40
CA MET A 43 -14.31 11.74 -8.97
C MET A 43 -14.06 12.86 -8.00
N PRO A 44 -13.42 13.91 -8.46
CA PRO A 44 -13.02 15.07 -7.63
C PRO A 44 -14.12 15.99 -7.18
N VAL A 45 -15.02 15.51 -6.37
CA VAL A 45 -16.17 16.31 -5.88
C VAL A 45 -15.72 17.18 -4.72
N LEU A 46 -16.28 18.38 -4.68
CA LEU A 46 -16.00 19.42 -3.67
C LEU A 46 -17.23 19.92 -2.94
N PRO A 47 -17.02 20.52 -1.77
CA PRO A 47 -18.15 21.07 -1.00
C PRO A 47 -19.02 21.90 -1.86
N SER A 48 -18.43 22.66 -2.77
CA SER A 48 -19.24 23.60 -3.58
C SER A 48 -19.97 22.83 -4.64
N ASP A 49 -20.20 21.58 -4.61
CA ASP A 49 -20.93 20.92 -5.72
C ASP A 49 -22.30 20.56 -5.16
N SER A 50 -22.30 20.64 -3.82
CA SER A 50 -23.52 20.20 -3.15
C SER A 50 -23.95 21.11 -2.06
N ILE A 51 -23.33 22.12 -1.58
CA ILE A 51 -23.89 23.13 -0.67
C ILE A 51 -23.54 24.50 -1.24
N GLU A 52 -24.04 25.58 -0.71
CA GLU A 52 -23.66 26.95 -1.17
C GLU A 52 -22.43 27.34 -0.38
N THR A 53 -21.29 27.68 -0.91
CA THR A 53 -20.05 28.03 -0.21
C THR A 53 -19.71 29.49 -0.41
N ARG A 54 -18.71 29.92 0.32
CA ARG A 54 -18.19 31.31 0.33
C ARG A 54 -16.72 31.19 -0.03
N THR A 55 -16.05 32.16 -0.50
CA THR A 55 -14.60 31.98 -0.75
C THR A 55 -13.80 31.89 0.51
N THR A 56 -12.81 31.02 0.46
CA THR A 56 -11.80 30.85 1.53
C THR A 56 -10.50 30.44 0.81
N TYR A 57 -9.38 30.84 1.40
CA TYR A 57 -8.05 30.44 0.85
C TYR A 57 -7.40 29.37 1.65
N MET A 58 -6.47 28.70 0.99
CA MET A 58 -5.80 27.52 1.60
C MET A 58 -4.83 27.95 2.63
N HIS A 59 -4.02 28.94 2.39
CA HIS A 59 -3.01 29.26 3.44
C HIS A 59 -2.16 28.03 3.72
N PHE A 60 -1.89 27.13 2.85
CA PHE A 60 -1.10 25.90 3.23
C PHE A 60 -0.49 25.26 2.05
N ASN A 61 0.62 24.60 2.00
CA ASN A 61 1.21 24.02 0.85
C ASN A 61 1.31 22.56 0.87
N GLY A 62 1.24 21.92 1.99
CA GLY A 62 1.37 20.43 1.97
C GLY A 62 2.84 20.07 1.98
N SER A 63 3.70 20.88 2.52
CA SER A 63 5.08 20.72 2.69
C SER A 63 5.55 19.47 3.47
N GLU A 64 4.81 19.23 4.56
CA GLU A 64 5.24 18.22 5.60
C GLU A 64 4.70 16.84 5.37
N THR A 65 4.14 16.66 4.19
CA THR A 65 3.56 15.40 3.75
C THR A 65 4.33 15.00 2.48
N ASP A 66 5.32 15.77 2.13
CA ASP A 66 6.18 15.37 1.00
C ASP A 66 6.83 14.06 1.33
N VAL A 67 7.02 13.10 0.48
CA VAL A 67 7.66 11.84 0.92
C VAL A 67 9.06 12.14 1.41
N GLU A 68 9.70 13.22 0.98
CA GLU A 68 11.11 13.37 1.48
C GLU A 68 11.01 13.65 2.94
N CYS A 69 10.00 14.34 3.36
CA CYS A 69 9.83 14.75 4.75
C CYS A 69 9.39 13.56 5.57
N PHE A 70 8.49 12.80 4.98
CA PHE A 70 7.87 11.64 5.68
C PHE A 70 8.94 10.62 6.04
N LEU A 71 9.88 10.32 5.13
CA LEU A 71 10.87 9.30 5.40
C LEU A 71 12.18 9.96 5.83
N GLY A 72 12.19 11.27 5.88
CA GLY A 72 13.47 11.94 6.16
C GLY A 72 13.85 12.19 7.55
N ARG A 73 13.38 11.58 8.57
CA ARG A 73 13.90 11.89 9.99
C ARG A 73 14.57 10.62 10.44
N ALA A 74 15.52 10.68 11.30
CA ALA A 74 16.21 9.47 11.82
C ALA A 74 15.28 8.55 12.56
N ALA A 75 15.25 7.28 12.36
CA ALA A 75 14.46 6.28 13.09
C ALA A 75 15.43 5.26 13.67
N CYS A 76 15.15 4.70 14.83
CA CYS A 76 16.09 3.66 15.39
C CYS A 76 15.90 2.40 14.56
N VAL A 77 16.93 1.87 14.03
CA VAL A 77 16.73 0.68 13.18
C VAL A 77 17.36 -0.52 13.83
N HIS A 78 18.11 -0.40 14.90
CA HIS A 78 18.86 -1.59 15.42
C HIS A 78 19.49 -1.30 16.75
N VAL A 79 19.34 -2.24 17.68
CA VAL A 79 20.07 -2.05 18.96
C VAL A 79 20.90 -3.30 19.16
N THR A 80 22.14 -3.28 19.31
CA THR A 80 22.97 -4.48 19.53
C THR A 80 23.79 -4.22 20.76
N GLU A 81 24.64 -5.16 21.12
CA GLU A 81 25.53 -4.95 22.29
C GLU A 81 26.77 -5.86 22.20
N ILE A 82 27.85 -5.28 22.64
CA ILE A 82 29.18 -5.87 22.69
C ILE A 82 29.77 -5.61 24.06
N GLN A 83 30.72 -6.42 24.54
CA GLN A 83 31.37 -6.06 25.83
C GLN A 83 32.91 -6.07 25.75
N ASN A 84 33.49 -5.31 26.66
CA ASN A 84 34.97 -5.26 26.71
C ASN A 84 35.26 -6.16 27.92
N LYS A 85 35.98 -7.19 27.68
CA LYS A 85 36.32 -8.10 28.86
C LYS A 85 37.53 -8.89 28.45
N ASP A 86 38.19 -9.56 29.36
CA ASP A 86 39.38 -10.37 29.02
C ASP A 86 39.01 -11.57 28.11
N ALA A 87 39.62 -11.60 26.90
CA ALA A 87 39.19 -12.64 25.96
C ALA A 87 39.98 -13.93 26.23
N THR A 88 40.87 -13.77 27.17
CA THR A 88 41.67 -14.94 27.57
C THR A 88 40.76 -16.12 27.89
N GLY A 89 41.10 -17.20 27.12
CA GLY A 89 40.30 -18.45 27.16
C GLY A 89 38.92 -18.38 26.56
N ILE A 90 38.69 -17.43 25.60
CA ILE A 90 37.26 -17.41 25.08
C ILE A 90 37.38 -18.14 23.76
N ASP A 91 36.49 -19.13 23.65
CA ASP A 91 36.74 -19.91 22.34
C ASP A 91 35.98 -19.31 21.24
N ASN A 92 35.11 -18.33 21.55
CA ASN A 92 34.21 -17.85 20.45
C ASN A 92 33.81 -16.41 20.77
N HIS A 93 34.66 -15.54 20.20
CA HIS A 93 34.54 -14.12 20.52
C HIS A 93 33.14 -13.64 20.17
N ARG A 94 32.76 -14.18 19.02
CA ARG A 94 31.46 -13.68 18.46
C ARG A 94 30.41 -14.01 19.48
N GLU A 95 30.55 -15.25 19.98
CA GLU A 95 29.61 -15.69 20.97
C GLU A 95 29.70 -15.00 22.30
N ALA A 96 30.80 -14.42 22.70
CA ALA A 96 30.95 -13.73 24.00
C ALA A 96 30.56 -12.25 23.86
N LYS A 97 30.03 -11.87 22.68
CA LYS A 97 29.79 -10.50 22.33
C LYS A 97 31.13 -9.70 22.49
N LEU A 98 32.21 -10.36 22.13
CA LEU A 98 33.49 -9.62 22.15
C LEU A 98 33.51 -8.66 20.97
N PHE A 99 32.50 -8.88 20.17
CA PHE A 99 32.22 -8.16 18.94
C PHE A 99 31.03 -8.82 18.36
N ASN A 100 30.27 -8.05 17.70
CA ASN A 100 28.96 -8.50 17.26
C ASN A 100 28.74 -7.94 15.90
N ASP A 101 28.06 -8.64 15.05
CA ASP A 101 27.86 -8.16 13.65
C ASP A 101 26.37 -7.98 13.45
N TRP A 102 25.97 -7.23 12.46
CA TRP A 102 24.52 -7.00 12.26
C TRP A 102 24.15 -7.38 10.82
N LYS A 103 23.44 -8.47 10.55
CA LYS A 103 23.06 -8.69 9.12
C LYS A 103 22.29 -7.43 8.73
N ILE A 104 22.94 -6.44 8.15
CA ILE A 104 22.21 -5.16 7.88
C ILE A 104 20.83 -5.41 7.29
N ASN A 105 19.93 -4.46 7.47
CA ASN A 105 18.52 -4.71 7.09
C ASN A 105 17.67 -3.60 7.70
N LEU A 106 16.56 -3.22 7.09
CA LEU A 106 15.85 -2.01 7.61
C LEU A 106 14.44 -2.26 8.06
N SER A 107 14.07 -3.47 8.07
CA SER A 107 12.71 -3.80 8.40
C SER A 107 12.69 -4.73 9.61
N SER A 108 13.48 -4.42 10.63
CA SER A 108 13.50 -5.27 11.86
C SER A 108 12.80 -4.59 13.04
N LEU A 109 13.17 -3.37 13.30
CA LEU A 109 12.43 -2.57 14.30
C LEU A 109 11.21 -2.16 13.51
N VAL A 110 10.06 -2.09 14.08
CA VAL A 110 8.88 -2.00 13.21
C VAL A 110 8.33 -0.54 12.89
N GLN A 111 8.51 0.48 13.73
CA GLN A 111 7.93 1.85 13.40
C GLN A 111 8.30 2.28 12.01
N LEU A 112 9.59 2.47 11.67
CA LEU A 112 10.00 2.81 10.31
C LEU A 112 9.48 1.80 9.31
N ARG A 113 9.44 0.53 9.59
CA ARG A 113 9.00 -0.47 8.58
C ARG A 113 7.63 -0.20 8.05
N LYS A 114 6.65 0.07 8.88
CA LYS A 114 5.29 0.31 8.38
C LYS A 114 5.30 1.49 7.44
N LYS A 115 6.05 2.55 7.76
CA LYS A 115 6.20 3.76 6.95
C LYS A 115 6.74 3.41 5.58
N LEU A 116 7.84 2.65 5.48
CA LEU A 116 8.38 2.34 4.19
C LEU A 116 7.44 1.46 3.36
N GLU A 117 6.69 0.61 4.05
CA GLU A 117 5.93 -0.42 3.23
C GLU A 117 4.62 0.12 2.76
N LEU A 118 4.50 1.42 2.80
CA LEU A 118 3.33 2.16 2.23
C LEU A 118 3.56 2.27 0.70
N PHE A 119 4.75 2.00 0.22
CA PHE A 119 5.29 2.02 -1.10
C PHE A 119 5.85 0.64 -1.49
N THR A 120 5.91 0.32 -2.78
CA THR A 120 6.45 -0.93 -3.25
C THR A 120 7.92 -0.88 -3.52
N TYR A 121 8.44 0.13 -4.19
CA TYR A 121 9.87 0.33 -4.51
C TYR A 121 10.27 1.69 -3.90
N VAL A 122 11.45 1.77 -3.42
CA VAL A 122 11.84 3.07 -2.68
C VAL A 122 13.25 3.27 -3.05
N ARG A 123 13.80 4.26 -3.17
CA ARG A 123 15.17 4.66 -3.54
C ARG A 123 15.55 5.92 -2.76
N PHE A 124 16.68 5.84 -2.09
CA PHE A 124 17.19 6.95 -1.27
C PHE A 124 18.61 6.66 -0.78
N ASP A 125 19.22 7.72 -0.26
CA ASP A 125 20.57 7.66 0.32
C ASP A 125 20.45 7.49 1.83
N SER A 126 21.27 6.95 2.51
CA SER A 126 21.03 6.76 3.94
C SER A 126 21.98 7.60 4.72
N GLU A 127 21.49 8.16 5.77
CA GLU A 127 22.44 8.81 6.69
C GLU A 127 22.39 8.00 7.97
N TYR A 128 23.42 7.37 8.46
CA TYR A 128 23.39 6.61 9.71
C TYR A 128 23.86 7.40 10.89
N THR A 129 23.23 7.36 12.03
CA THR A 129 23.86 7.95 13.28
C THR A 129 24.03 6.77 14.20
N ILE A 130 25.12 6.60 14.86
CA ILE A 130 25.30 5.43 15.77
C ILE A 130 25.56 5.95 17.15
N LEU A 131 24.70 5.75 18.09
CA LEU A 131 24.94 6.20 19.50
C LEU A 131 25.43 4.97 20.26
N ALA A 132 26.40 5.04 21.09
CA ALA A 132 26.97 3.95 21.89
C ALA A 132 27.00 4.34 23.34
N THR A 133 26.40 3.70 24.26
CA THR A 133 26.51 4.19 25.71
C THR A 133 27.06 3.06 26.50
N ALA A 134 27.72 3.31 27.63
CA ALA A 134 28.29 2.12 28.36
C ALA A 134 27.54 1.96 29.65
N SER A 135 27.51 0.76 30.12
CA SER A 135 26.91 0.29 31.35
C SER A 135 27.97 -0.55 32.11
N GLN A 136 27.90 -0.42 33.39
CA GLN A 136 28.86 -1.23 34.25
C GLN A 136 28.05 -1.83 35.37
N PRO A 137 27.25 -2.83 35.01
CA PRO A 137 26.36 -3.44 35.98
C PRO A 137 27.07 -4.01 37.15
N ASP A 138 28.34 -4.30 37.18
CA ASP A 138 28.79 -4.86 38.50
C ASP A 138 30.08 -4.24 38.95
N SER A 139 30.04 -3.63 40.09
CA SER A 139 31.21 -3.11 40.74
C SER A 139 32.40 -2.76 39.91
N ALA A 140 32.59 -1.46 39.66
CA ALA A 140 33.83 -1.04 38.91
C ALA A 140 34.38 0.17 39.65
N ASN A 141 35.66 0.40 39.59
CA ASN A 141 36.20 1.56 40.29
C ASN A 141 35.87 2.86 39.57
N TYR A 142 35.72 2.62 38.27
CA TYR A 142 35.50 3.68 37.33
C TYR A 142 34.88 3.22 36.04
N SER A 143 34.63 4.27 35.25
CA SER A 143 34.05 4.15 33.88
C SER A 143 35.14 4.23 32.87
N SER A 144 35.40 3.22 32.09
CA SER A 144 36.71 3.43 31.24
C SER A 144 36.43 4.20 30.02
N ASN A 145 37.39 4.68 29.22
CA ASN A 145 36.92 5.29 27.95
C ASN A 145 37.42 4.49 26.77
N LEU A 146 36.39 3.86 26.24
CA LEU A 146 36.38 2.94 25.14
C LEU A 146 36.13 3.66 23.80
N VAL A 147 36.78 3.18 22.79
CA VAL A 147 36.60 3.62 21.43
C VAL A 147 35.92 2.48 20.68
N VAL A 148 34.79 2.63 20.04
CA VAL A 148 34.15 1.59 19.24
C VAL A 148 34.69 1.59 17.83
N GLN A 149 34.72 0.57 17.10
CA GLN A 149 35.14 0.61 15.65
C GLN A 149 34.09 -0.23 14.94
N ALA A 150 33.16 0.42 14.30
CA ALA A 150 32.16 -0.30 13.53
C ALA A 150 32.70 -0.35 12.13
N MET A 151 32.76 -1.48 11.47
CA MET A 151 33.33 -1.45 10.10
C MET A 151 32.35 -2.13 9.15
N TYR A 152 32.19 -1.59 7.94
CA TYR A 152 31.24 -2.19 6.96
C TYR A 152 31.82 -3.51 6.47
N VAL A 153 30.97 -4.47 6.25
CA VAL A 153 31.46 -5.78 5.78
C VAL A 153 30.55 -6.37 4.75
N PRO A 154 30.73 -6.04 3.49
CA PRO A 154 29.85 -6.50 2.44
C PRO A 154 30.11 -7.91 2.05
N PRO A 155 29.19 -8.46 1.30
CA PRO A 155 29.17 -9.85 0.91
C PRO A 155 30.40 -10.25 0.21
N GLY A 156 30.88 -11.40 0.59
CA GLY A 156 32.08 -11.98 -0.02
C GLY A 156 33.26 -11.21 0.49
N ALA A 157 33.14 -10.94 1.77
CA ALA A 157 34.15 -10.17 2.46
C ALA A 157 34.67 -10.95 3.64
N PRO A 158 35.99 -11.14 3.79
CA PRO A 158 36.48 -11.87 4.92
C PRO A 158 35.91 -11.19 6.06
N ASN A 159 35.36 -12.09 6.80
CA ASN A 159 34.57 -11.92 8.01
C ASN A 159 35.47 -11.94 9.24
N PRO A 160 35.24 -11.13 10.24
CA PRO A 160 36.07 -11.09 11.46
C PRO A 160 35.73 -12.30 12.19
N LYS A 161 36.72 -12.88 12.80
CA LYS A 161 36.50 -14.08 13.58
C LYS A 161 36.84 -13.81 14.99
N GLU A 162 37.87 -13.15 15.30
CA GLU A 162 38.15 -12.74 16.68
C GLU A 162 37.98 -11.28 16.78
N TRP A 163 38.03 -10.72 17.98
CA TRP A 163 37.83 -9.27 18.09
C TRP A 163 39.05 -8.55 17.67
N ASP A 164 40.12 -9.30 17.35
CA ASP A 164 41.29 -8.54 16.80
C ASP A 164 42.01 -9.12 15.62
N ASP A 165 41.37 -9.84 14.71
CA ASP A 165 41.66 -10.39 13.45
C ASP A 165 42.35 -9.39 12.50
N TYR A 166 42.83 -9.97 11.41
CA TYR A 166 43.48 -9.07 10.37
C TYR A 166 42.35 -8.26 9.76
N THR A 167 41.14 -8.84 9.75
CA THR A 167 39.96 -8.18 9.19
C THR A 167 39.78 -6.73 9.62
N TRP A 168 40.08 -6.51 10.91
CA TRP A 168 39.85 -5.16 11.47
C TRP A 168 40.80 -4.16 10.91
N GLN A 169 41.78 -4.58 10.16
CA GLN A 169 42.75 -3.66 9.52
C GLN A 169 41.95 -2.75 8.57
N SER A 170 40.98 -3.43 8.00
CA SER A 170 39.97 -2.76 7.13
C SER A 170 40.64 -1.82 6.18
N ALA A 171 41.53 -2.34 5.37
CA ALA A 171 42.33 -1.51 4.46
C ALA A 171 41.55 -1.08 3.26
N SER A 172 40.53 -1.84 2.94
CA SER A 172 39.73 -1.45 1.77
C SER A 172 38.31 -1.22 2.16
N ASN A 173 37.87 -1.37 3.31
CA ASN A 173 36.45 -1.39 3.79
C ASN A 173 36.22 -0.22 4.65
N PRO A 174 35.23 0.61 4.43
CA PRO A 174 35.10 1.87 5.22
C PRO A 174 34.89 1.56 6.65
N SER A 175 35.69 2.15 7.54
CA SER A 175 35.30 1.92 9.03
C SER A 175 35.39 3.23 9.76
N VAL A 176 34.60 3.50 10.80
CA VAL A 176 34.58 4.68 11.57
C VAL A 176 35.02 4.32 13.06
N PHE A 177 35.83 5.06 13.70
CA PHE A 177 36.21 4.84 15.13
C PHE A 177 35.61 6.00 15.93
N PHE A 178 34.79 5.85 16.87
CA PHE A 178 34.26 6.97 17.70
C PHE A 178 34.29 6.55 19.15
N LYS A 179 34.02 7.40 20.09
CA LYS A 179 34.08 7.06 21.53
C LYS A 179 32.71 6.67 22.03
N VAL A 180 32.72 5.71 22.93
CA VAL A 180 31.42 5.34 23.61
C VAL A 180 30.83 6.59 24.22
N GLY A 181 29.55 6.88 24.12
CA GLY A 181 28.98 8.11 24.77
C GLY A 181 28.81 9.17 23.72
N ASP A 182 29.67 9.08 22.71
CA ASP A 182 29.53 9.93 21.54
C ASP A 182 28.73 9.12 20.52
N THR A 183 28.60 9.74 19.41
CA THR A 183 27.86 9.42 18.22
C THR A 183 28.69 9.46 17.00
N SER A 184 28.39 8.63 16.08
CA SER A 184 29.23 8.64 14.79
C SER A 184 28.23 8.91 13.71
N ARG A 185 28.57 9.53 12.64
CA ARG A 185 27.60 9.86 11.61
C ARG A 185 28.23 9.89 10.28
N PHE A 186 27.70 9.26 9.33
CA PHE A 186 28.34 9.23 7.97
C PHE A 186 27.15 8.95 7.08
N SER A 187 27.37 8.91 5.80
CA SER A 187 26.04 8.75 4.92
C SER A 187 26.47 7.83 3.85
N VAL A 188 25.66 6.93 3.40
CA VAL A 188 26.09 5.93 2.35
C VAL A 188 25.19 6.16 1.16
N PRO A 189 25.66 6.20 -0.06
CA PRO A 189 24.86 6.39 -1.25
C PRO A 189 23.87 5.24 -1.39
N TYR A 190 22.91 5.32 -2.25
CA TYR A 190 21.98 4.18 -2.49
C TYR A 190 22.76 3.00 -3.08
N VAL A 191 23.02 1.95 -2.27
CA VAL A 191 23.73 0.80 -2.68
C VAL A 191 22.93 -0.33 -3.30
N GLY A 192 21.72 -0.13 -3.65
CA GLY A 192 20.91 -1.23 -4.29
C GLY A 192 21.48 -1.71 -5.59
N LEU A 193 21.28 -2.96 -5.97
CA LEU A 193 21.72 -3.47 -7.23
C LEU A 193 20.75 -2.99 -8.33
N ALA A 194 19.49 -2.86 -8.10
CA ALA A 194 18.52 -2.46 -9.19
C ALA A 194 18.31 -0.97 -9.18
N SER A 195 17.20 -0.52 -9.68
CA SER A 195 16.99 0.95 -9.81
C SER A 195 16.37 1.46 -8.54
N ALA A 196 15.75 0.58 -7.78
CA ALA A 196 15.08 0.93 -6.50
C ALA A 196 15.24 -0.27 -5.56
N TYR A 197 14.99 -0.13 -4.30
CA TYR A 197 15.02 -1.28 -3.35
C TYR A 197 13.64 -1.92 -3.42
N ASN A 198 13.47 -3.21 -3.43
CA ASN A 198 12.05 -3.72 -3.47
C ASN A 198 11.55 -3.75 -2.00
N CYS A 199 10.49 -3.08 -1.69
CA CYS A 199 9.85 -3.24 -0.40
C CYS A 199 9.12 -4.61 -0.39
N PHE A 200 8.82 -5.14 -1.51
CA PHE A 200 8.14 -6.41 -1.63
C PHE A 200 8.69 -7.11 -2.86
N TYR A 201 8.59 -8.41 -2.87
CA TYR A 201 9.14 -9.14 -4.05
C TYR A 201 8.38 -10.44 -4.19
N ASP A 202 7.52 -10.62 -5.19
CA ASP A 202 6.77 -11.93 -5.15
C ASP A 202 7.57 -12.80 -6.06
N GLY A 203 8.76 -13.21 -5.54
CA GLY A 203 9.61 -14.11 -6.41
C GLY A 203 10.54 -14.95 -5.54
N TYR A 204 11.42 -15.66 -6.17
CA TYR A 204 12.45 -16.54 -5.66
C TYR A 204 13.79 -16.17 -6.25
N SER A 205 14.89 -16.74 -5.79
CA SER A 205 16.19 -16.37 -6.32
C SER A 205 16.45 -17.24 -7.55
N HIS A 206 15.68 -18.30 -7.58
CA HIS A 206 15.77 -19.16 -8.80
C HIS A 206 14.61 -20.12 -8.73
N ASP A 207 14.40 -20.87 -9.79
CA ASP A 207 13.22 -21.75 -9.77
C ASP A 207 13.63 -23.02 -9.02
N ASP A 208 13.81 -22.96 -7.78
CA ASP A 208 14.15 -24.12 -6.93
C ASP A 208 12.87 -24.55 -6.24
N ALA A 209 12.74 -25.78 -5.85
CA ALA A 209 11.47 -26.17 -5.25
C ALA A 209 11.43 -25.80 -3.78
N GLU A 210 12.53 -25.55 -3.21
CA GLU A 210 12.52 -25.34 -1.74
C GLU A 210 13.21 -24.03 -1.48
N THR A 211 13.49 -23.18 -2.49
CA THR A 211 14.27 -21.93 -2.08
C THR A 211 13.38 -21.00 -1.32
N GLN A 212 13.91 -20.06 -0.56
CA GLN A 212 13.10 -19.15 0.33
C GLN A 212 12.30 -18.21 -0.58
N TYR A 213 11.54 -17.34 0.06
CA TYR A 213 10.61 -16.47 -0.68
C TYR A 213 10.42 -15.16 -0.08
N GLY A 214 10.45 -14.25 -0.98
CA GLY A 214 10.16 -12.87 -0.62
C GLY A 214 11.38 -11.98 -0.80
N ILE A 215 11.45 -10.98 0.04
CA ILE A 215 12.46 -9.89 -0.10
C ILE A 215 13.89 -10.33 0.39
N THR A 216 14.01 -11.10 1.46
CA THR A 216 15.35 -11.51 2.04
C THR A 216 16.40 -11.98 0.98
N VAL A 217 15.96 -12.47 -0.15
CA VAL A 217 16.86 -13.01 -1.24
C VAL A 217 17.41 -11.88 -2.13
N LEU A 218 16.79 -10.75 -1.97
CA LEU A 218 17.09 -9.55 -2.75
C LEU A 218 17.89 -8.55 -1.88
N ASN A 219 17.52 -8.46 -0.61
CA ASN A 219 18.17 -7.48 0.35
C ASN A 219 19.31 -8.11 1.04
N HIS A 220 20.38 -7.75 0.47
CA HIS A 220 21.54 -8.48 0.67
C HIS A 220 22.73 -7.54 0.64
N MET A 221 22.56 -6.49 1.41
CA MET A 221 23.57 -5.46 1.57
C MET A 221 24.74 -6.00 2.37
N GLY A 222 24.69 -7.20 2.79
CA GLY A 222 25.80 -7.72 3.60
C GLY A 222 25.61 -7.24 5.04
N SER A 223 26.67 -7.16 5.83
CA SER A 223 26.45 -6.81 7.24
C SER A 223 27.49 -5.84 7.80
N MET A 224 27.15 -5.32 8.95
CA MET A 224 27.94 -4.29 9.65
C MET A 224 28.45 -4.88 10.96
N ALA A 225 29.74 -4.77 11.23
CA ALA A 225 30.33 -5.40 12.47
C ALA A 225 30.89 -4.34 13.44
N PHE A 226 30.70 -4.50 14.76
CA PHE A 226 31.20 -3.52 15.81
C PHE A 226 32.16 -4.19 16.79
N ARG A 227 33.07 -3.50 17.35
CA ARG A 227 33.94 -4.07 18.40
C ARG A 227 34.49 -2.90 19.21
N ILE A 228 35.03 -3.16 20.35
CA ILE A 228 35.75 -2.11 21.17
C ILE A 228 37.20 -2.21 20.84
N VAL A 229 37.88 -1.06 20.74
CA VAL A 229 39.32 -1.23 20.28
C VAL A 229 40.10 -1.49 21.53
N ASN A 230 39.63 -0.98 22.69
CA ASN A 230 40.39 -1.08 23.93
C ASN A 230 40.61 -2.54 24.38
N GLU A 231 41.78 -2.74 25.00
CA GLU A 231 42.01 -4.03 25.67
C GLU A 231 41.17 -3.91 26.97
N HIS A 232 41.21 -4.99 27.74
CA HIS A 232 40.41 -5.05 28.95
C HIS A 232 41.10 -4.42 30.16
N ASP A 233 40.16 -3.80 30.95
CA ASP A 233 40.48 -3.28 32.26
C ASP A 233 40.09 -4.44 33.24
N GLU A 234 40.23 -4.06 34.52
CA GLU A 234 39.89 -5.09 35.54
C GLU A 234 38.42 -5.31 35.53
N HIS A 235 37.51 -4.37 35.37
CA HIS A 235 36.06 -4.77 35.39
C HIS A 235 35.59 -5.03 33.97
N LYS A 236 34.33 -5.30 33.86
CA LYS A 236 33.74 -5.62 32.52
C LYS A 236 32.90 -4.44 32.12
N THR A 237 32.72 -4.14 30.88
CA THR A 237 31.94 -2.94 30.50
C THR A 237 30.99 -3.38 29.37
N LEU A 238 29.74 -3.09 29.56
CA LEU A 238 28.73 -3.41 28.52
C LEU A 238 28.55 -2.16 27.67
N VAL A 239 28.67 -2.34 26.38
CA VAL A 239 28.46 -1.17 25.45
C VAL A 239 27.28 -1.57 24.59
N LYS A 240 26.30 -0.72 24.50
CA LYS A 240 25.06 -1.08 23.74
C LYS A 240 25.02 -0.08 22.58
N ILE A 241 24.94 -0.63 21.38
CA ILE A 241 24.92 0.18 20.14
C ILE A 241 23.53 0.33 19.58
N ARG A 242 23.18 1.61 19.31
CA ARG A 242 21.89 1.95 18.64
C ARG A 242 22.17 2.61 17.27
N VAL A 243 21.71 2.00 16.20
CA VAL A 243 21.89 2.53 14.85
C VAL A 243 20.64 3.27 14.44
N TYR A 244 20.71 4.52 14.05
CA TYR A 244 19.57 5.32 13.54
C TYR A 244 19.69 5.48 12.04
N HIS A 245 18.63 5.47 11.28
CA HIS A 245 18.72 5.62 9.82
C HIS A 245 17.79 6.71 9.34
N ARG A 246 18.23 7.62 8.52
CA ARG A 246 17.47 8.73 7.94
C ARG A 246 17.57 8.64 6.41
N ALA A 247 16.50 8.55 5.74
CA ALA A 247 16.50 8.54 4.27
C ALA A 247 16.67 9.99 3.78
N LYS A 248 17.56 10.19 2.80
CA LYS A 248 17.69 11.55 2.18
C LYS A 248 17.69 11.28 0.68
N HIS A 249 17.03 12.18 -0.05
CA HIS A 249 16.87 12.09 -1.52
C HIS A 249 15.93 10.99 -1.86
N VAL A 250 14.74 10.97 -1.28
CA VAL A 250 13.79 9.88 -1.40
C VAL A 250 13.01 9.77 -2.67
N GLU A 251 12.78 8.62 -3.15
CA GLU A 251 11.90 8.50 -4.40
C GLU A 251 11.05 7.26 -4.17
N ALA A 252 9.75 7.31 -4.25
CA ALA A 252 8.92 6.14 -3.88
C ALA A 252 7.95 5.81 -4.93
N TRP A 253 7.68 4.61 -5.35
CA TRP A 253 6.70 4.31 -6.40
C TRP A 253 5.66 3.32 -5.89
N ILE A 254 4.48 3.38 -6.43
CA ILE A 254 3.35 2.51 -6.25
C ILE A 254 2.85 2.34 -4.85
N PRO A 255 1.93 3.18 -4.38
CA PRO A 255 1.40 3.12 -2.99
C PRO A 255 0.68 1.84 -2.74
N ARG A 256 0.65 1.31 -1.55
CA ARG A 256 -0.08 0.05 -1.24
C ARG A 256 -0.91 0.23 0.01
N ALA A 257 -1.75 -0.67 0.34
CA ALA A 257 -2.59 -0.67 1.56
C ALA A 257 -1.72 -0.71 2.79
N PRO A 258 -1.97 0.04 3.88
CA PRO A 258 -1.08 0.06 5.05
C PRO A 258 -1.07 -1.27 5.73
N ARG A 259 -0.06 -1.63 6.52
CA ARG A 259 -0.02 -2.83 7.27
C ARG A 259 -1.07 -2.91 8.37
N ALA A 260 -1.88 -3.92 8.44
CA ALA A 260 -2.92 -3.99 9.45
C ALA A 260 -2.50 -4.94 10.55
N LEU A 261 -2.06 -6.16 10.26
CA LEU A 261 -1.69 -7.13 11.33
C LEU A 261 -0.24 -6.90 11.73
N PRO A 262 0.14 -7.50 12.84
CA PRO A 262 1.48 -7.40 13.40
C PRO A 262 2.41 -8.16 12.50
N TYR A 263 3.69 -7.87 12.63
CA TYR A 263 4.77 -8.49 11.85
C TYR A 263 5.36 -9.66 12.66
N THR A 264 5.93 -10.63 11.97
CA THR A 264 6.49 -11.79 12.64
C THR A 264 7.90 -11.96 12.21
N SER A 265 8.26 -11.58 11.01
CA SER A 265 9.62 -11.88 10.46
C SER A 265 10.23 -10.80 9.63
N ILE A 266 11.55 -10.62 9.59
CA ILE A 266 12.19 -9.69 8.66
C ILE A 266 11.97 -10.29 7.26
N GLY A 267 11.36 -9.50 6.42
CA GLY A 267 11.26 -9.86 5.01
C GLY A 267 10.16 -10.73 4.60
N ARG A 268 9.28 -11.15 5.52
CA ARG A 268 8.10 -11.88 4.92
C ARG A 268 6.91 -11.11 5.43
N THR A 269 5.84 -11.25 4.73
CA THR A 269 4.57 -10.56 4.96
C THR A 269 3.69 -11.19 6.00
N ASN A 270 4.11 -12.41 6.43
CA ASN A 270 3.47 -13.23 7.37
C ASN A 270 3.03 -12.45 8.69
N TYR A 271 1.86 -12.79 9.07
CA TYR A 271 1.23 -12.31 10.30
C TYR A 271 1.00 -13.53 11.22
N PRO A 272 0.88 -13.28 12.50
CA PRO A 272 0.70 -14.30 13.50
C PRO A 272 -0.64 -14.97 13.51
N LYS A 273 -0.75 -16.28 13.85
CA LYS A 273 -2.06 -16.98 13.87
C LYS A 273 -2.90 -16.62 15.06
N ASN A 274 -4.19 -16.74 14.90
CA ASN A 274 -5.03 -16.29 16.11
C ASN A 274 -4.27 -14.95 16.53
N THR A 275 -4.67 -14.04 15.68
CA THR A 275 -4.24 -12.61 15.85
C THR A 275 -5.45 -11.94 16.41
N GLU A 276 -5.64 -10.68 16.68
CA GLU A 276 -7.03 -10.25 17.14
C GLU A 276 -7.70 -9.43 16.10
N PRO A 277 -8.99 -9.34 16.19
CA PRO A 277 -9.73 -8.49 15.15
C PRO A 277 -9.06 -7.11 15.22
N VAL A 278 -8.78 -6.61 14.04
CA VAL A 278 -8.09 -5.30 13.90
C VAL A 278 -9.14 -4.25 13.72
N ILE A 279 -10.36 -4.53 13.34
CA ILE A 279 -11.37 -3.44 13.23
C ILE A 279 -12.11 -3.32 14.54
N LYS A 280 -12.17 -2.27 15.25
CA LYS A 280 -12.88 -2.05 16.53
C LYS A 280 -14.36 -2.33 16.41
N LYS A 281 -14.89 -3.20 17.19
CA LYS A 281 -16.33 -3.50 17.17
C LYS A 281 -17.10 -2.36 17.83
N ARG A 282 -18.23 -2.02 17.23
CA ARG A 282 -19.09 -1.01 17.79
C ARG A 282 -19.58 -1.37 19.17
N LYS A 283 -19.72 -0.30 19.94
CA LYS A 283 -20.42 -0.65 21.34
C LYS A 283 -21.83 -0.23 21.03
N GLY A 284 -22.64 -1.00 20.38
CA GLY A 284 -24.00 -0.55 19.99
C GLY A 284 -24.24 -1.01 18.57
N ASP A 285 -25.28 -0.64 17.94
CA ASP A 285 -25.68 -0.74 16.67
C ASP A 285 -24.92 -0.20 15.53
N ILE A 286 -25.45 -0.61 14.30
CA ILE A 286 -24.84 0.13 13.13
C ILE A 286 -25.30 1.63 13.31
N LYS A 287 -26.52 1.73 13.87
CA LYS A 287 -27.14 3.02 14.03
C LYS A 287 -26.51 3.87 15.10
N SER A 288 -25.68 3.33 15.94
CA SER A 288 -25.05 4.11 17.06
C SER A 288 -24.23 5.28 16.78
N TYR A 289 -24.10 6.29 17.60
CA TYR A 289 -23.14 7.40 17.23
C TYR A 289 -21.78 7.20 17.88
N GLY B 8 -23.24 8.28 -30.28
CA GLY B 8 -24.00 7.06 -29.69
C GLY B 8 -22.91 6.17 -29.05
N TYR B 9 -21.71 6.78 -28.96
CA TYR B 9 -20.64 5.93 -28.27
C TYR B 9 -21.03 5.96 -26.84
N SER B 10 -20.94 4.84 -26.16
CA SER B 10 -21.26 4.87 -24.70
C SER B 10 -19.97 4.41 -24.04
N ASP B 11 -19.73 4.71 -22.86
CA ASP B 11 -18.69 4.17 -22.05
C ASP B 11 -18.78 2.65 -21.89
N ARG B 12 -19.99 2.19 -22.06
CA ARG B 12 -20.71 0.99 -21.99
C ARG B 12 -20.41 -0.08 -23.01
N VAL B 13 -20.35 0.20 -24.27
CA VAL B 13 -19.99 -0.79 -25.30
C VAL B 13 -18.55 -0.65 -25.71
N GLN B 14 -17.81 -1.68 -25.94
CA GLN B 14 -16.42 -1.60 -26.30
C GLN B 14 -15.99 -2.79 -27.09
N GLN B 15 -14.93 -2.59 -27.85
CA GLN B 15 -14.34 -3.64 -28.64
C GLN B 15 -12.83 -3.58 -28.45
N ILE B 16 -12.18 -4.65 -28.09
CA ILE B 16 -10.70 -4.67 -28.03
C ILE B 16 -10.20 -5.69 -29.01
N THR B 17 -9.48 -5.39 -30.02
CA THR B 17 -8.97 -6.35 -30.99
C THR B 17 -7.46 -6.43 -30.77
N LEU B 18 -6.97 -7.57 -30.55
CA LEU B 18 -5.51 -7.70 -30.22
C LEU B 18 -5.12 -9.03 -30.84
N GLY B 19 -4.33 -8.90 -31.85
CA GLY B 19 -3.82 -10.01 -32.61
C GLY B 19 -4.98 -10.49 -33.50
N ASN B 20 -5.31 -11.68 -33.26
CA ASN B 20 -6.26 -12.47 -34.12
C ASN B 20 -7.47 -12.75 -33.30
N SER B 21 -7.60 -11.99 -32.19
CA SER B 21 -8.72 -12.15 -31.27
C SER B 21 -9.42 -10.86 -30.85
N THR B 22 -10.71 -10.83 -30.79
CA THR B 22 -11.50 -9.70 -30.45
C THR B 22 -12.52 -9.99 -29.37
N ILE B 23 -12.74 -9.06 -28.49
CA ILE B 23 -13.68 -9.06 -27.39
C ILE B 23 -14.70 -7.94 -27.52
N THR B 24 -15.95 -8.16 -27.35
CA THR B 24 -16.93 -7.08 -27.41
C THR B 24 -17.66 -7.12 -26.06
N THR B 25 -17.88 -6.03 -25.44
CA THR B 25 -18.71 -5.91 -24.28
C THR B 25 -19.75 -4.82 -24.54
N GLN B 26 -20.96 -5.15 -24.18
CA GLN B 26 -22.08 -4.20 -24.36
C GLN B 26 -22.46 -3.62 -23.00
N GLU B 27 -21.73 -3.90 -21.96
CA GLU B 27 -22.03 -3.40 -20.63
C GLU B 27 -20.85 -3.16 -19.76
N ALA B 28 -19.91 -2.40 -20.22
CA ALA B 28 -18.66 -2.05 -19.63
C ALA B 28 -18.85 -0.88 -18.65
N ALA B 29 -17.89 -0.51 -17.85
CA ALA B 29 -17.85 0.63 -16.98
C ALA B 29 -16.44 1.23 -17.16
N ASN B 30 -16.31 1.80 -18.35
CA ASN B 30 -14.97 2.45 -18.72
C ASN B 30 -13.88 1.39 -18.61
N ALA B 31 -12.63 1.64 -18.44
CA ALA B 31 -11.55 0.69 -18.33
C ALA B 31 -10.44 1.43 -17.56
N VAL B 32 -9.65 0.71 -16.87
CA VAL B 32 -8.62 1.35 -16.05
C VAL B 32 -7.30 1.06 -16.75
N VAL B 33 -6.46 2.08 -16.70
CA VAL B 33 -5.08 1.88 -17.22
C VAL B 33 -4.15 2.16 -16.04
N CYS B 34 -3.58 1.11 -15.47
CA CYS B 34 -2.80 1.26 -14.27
C CYS B 34 -1.89 2.46 -14.24
N TYR B 35 -2.05 3.31 -13.21
CA TYR B 35 -1.12 4.42 -12.97
C TYR B 35 -1.11 5.31 -14.19
N ALA B 36 -2.22 5.21 -14.91
CA ALA B 36 -2.40 6.07 -16.11
C ALA B 36 -1.30 5.86 -17.11
N GLU B 37 -0.66 4.76 -17.26
CA GLU B 37 0.32 4.46 -18.26
C GLU B 37 0.01 3.25 -19.07
N TRP B 38 0.19 3.32 -20.31
CA TRP B 38 -0.16 2.23 -21.30
C TRP B 38 1.01 1.42 -21.61
N PRO B 39 0.93 0.14 -21.83
CA PRO B 39 2.17 -0.72 -21.97
C PRO B 39 3.05 -0.18 -23.07
N GLU B 40 4.33 -0.09 -23.05
CA GLU B 40 5.25 0.28 -24.12
C GLU B 40 6.52 -0.57 -24.11
N TYR B 41 7.25 -0.69 -25.21
CA TYR B 41 8.49 -1.51 -25.19
C TYR B 41 9.58 -0.80 -24.39
N LEU B 42 10.67 -1.61 -24.25
CA LEU B 42 11.77 -1.15 -23.40
C LEU B 42 12.70 -0.25 -24.18
N PRO B 43 12.77 0.98 -23.81
CA PRO B 43 13.65 1.96 -24.44
C PRO B 43 15.11 1.68 -24.22
N ASP B 44 16.00 2.10 -25.13
CA ASP B 44 17.43 1.84 -25.01
C ASP B 44 18.04 2.53 -23.79
N VAL B 45 17.51 3.68 -23.53
CA VAL B 45 18.12 4.51 -22.43
C VAL B 45 17.94 3.72 -21.13
N ASP B 46 16.94 2.86 -21.08
CA ASP B 46 16.67 2.04 -19.90
C ASP B 46 17.24 0.61 -19.93
N ALA B 47 17.74 0.19 -21.05
CA ALA B 47 18.29 -1.10 -21.31
C ALA B 47 19.61 -1.36 -20.63
N SER B 48 19.89 -2.61 -20.31
CA SER B 48 21.11 -3.06 -19.73
C SER B 48 21.67 -4.29 -20.48
N ASP B 49 20.93 -5.34 -20.53
CA ASP B 49 21.35 -6.56 -21.30
C ASP B 49 21.65 -6.13 -22.74
N VAL B 50 22.75 -6.58 -23.36
CA VAL B 50 23.09 -6.08 -24.68
C VAL B 50 22.40 -6.85 -25.78
N ASN B 51 21.64 -7.84 -25.42
CA ASN B 51 21.02 -8.72 -26.45
C ASN B 51 19.90 -8.06 -27.19
N LYS B 52 19.82 -8.24 -28.45
CA LYS B 52 18.63 -7.68 -29.26
C LYS B 52 17.43 -8.39 -28.76
N THR B 53 16.25 -7.92 -28.50
CA THR B 53 15.15 -8.77 -27.96
C THR B 53 14.27 -9.33 -29.03
N SER B 54 13.35 -10.24 -28.74
CA SER B 54 12.51 -10.89 -29.82
C SER B 54 11.10 -10.40 -29.60
N LYS B 55 10.42 -9.99 -30.63
CA LYS B 55 9.04 -9.41 -30.31
C LYS B 55 8.07 -10.15 -31.18
N PRO B 56 7.58 -11.27 -30.72
CA PRO B 56 6.74 -12.16 -31.51
C PRO B 56 5.49 -11.45 -31.94
N ASP B 57 5.18 -10.28 -31.36
CA ASP B 57 4.03 -9.56 -31.82
C ASP B 57 2.73 -10.37 -31.74
N THR B 58 2.03 -10.46 -32.86
CA THR B 58 0.68 -10.99 -32.90
C THR B 58 0.56 -12.42 -32.48
N SER B 59 1.58 -13.17 -32.40
CA SER B 59 1.46 -14.60 -32.02
C SER B 59 1.45 -14.71 -30.53
N VAL B 60 1.92 -13.78 -29.75
CA VAL B 60 1.88 -13.77 -28.33
C VAL B 60 0.94 -12.68 -27.87
N CYS B 61 0.68 -11.66 -28.65
CA CYS B 61 -0.19 -10.55 -28.08
C CYS B 61 -1.59 -10.71 -28.49
N ARG B 62 -2.25 -11.75 -28.10
CA ARG B 62 -3.65 -12.05 -28.44
C ARG B 62 -4.32 -12.40 -27.13
N PHE B 63 -5.60 -12.75 -27.15
CA PHE B 63 -6.35 -12.96 -25.87
C PHE B 63 -6.43 -14.41 -25.50
N TYR B 64 -5.90 -14.82 -24.38
CA TYR B 64 -6.09 -16.22 -23.87
C TYR B 64 -7.20 -16.24 -22.81
N THR B 65 -8.23 -17.06 -22.99
CA THR B 65 -9.29 -17.17 -21.96
C THR B 65 -8.99 -18.30 -21.02
N LEU B 66 -8.57 -18.09 -19.82
CA LEU B 66 -8.43 -19.08 -18.77
C LEU B 66 -9.76 -19.82 -18.49
N ASP B 67 -9.57 -21.01 -17.92
CA ASP B 67 -10.77 -21.78 -17.51
C ASP B 67 -11.69 -21.10 -16.56
N SER B 68 -12.99 -21.34 -16.68
CA SER B 68 -13.95 -20.54 -15.87
C SER B 68 -14.16 -20.75 -14.44
N LYS B 69 -14.44 -19.89 -13.56
CA LYS B 69 -14.71 -20.12 -12.12
C LYS B 69 -16.24 -20.05 -11.90
N THR B 70 -16.67 -20.52 -10.71
CA THR B 70 -18.08 -20.51 -10.37
C THR B 70 -18.36 -19.78 -9.06
N TRP B 71 -19.04 -18.68 -9.22
CA TRP B 71 -19.32 -17.78 -8.05
C TRP B 71 -20.58 -18.40 -7.47
N THR B 72 -20.43 -18.66 -6.24
CA THR B 72 -21.57 -19.16 -5.45
C THR B 72 -21.52 -18.34 -4.13
N THR B 73 -22.64 -18.57 -3.48
CA THR B 73 -22.86 -17.79 -2.28
C THR B 73 -21.81 -18.02 -1.27
N GLY B 74 -21.10 -19.11 -1.40
CA GLY B 74 -20.02 -19.27 -0.42
C GLY B 74 -18.66 -18.84 -0.86
N SER B 75 -18.52 -18.28 -2.04
CA SER B 75 -17.15 -18.01 -2.64
C SER B 75 -16.37 -17.05 -1.83
N LYS B 76 -15.08 -17.18 -1.66
CA LYS B 76 -14.31 -16.17 -0.96
C LYS B 76 -13.54 -15.32 -1.96
N GLY B 77 -13.12 -15.81 -3.07
CA GLY B 77 -12.40 -14.91 -4.07
C GLY B 77 -11.35 -15.72 -4.74
N TRP B 78 -10.72 -15.35 -5.83
CA TRP B 78 -9.67 -16.17 -6.51
C TRP B 78 -8.48 -15.27 -6.80
N CYS B 79 -7.34 -15.82 -6.99
CA CYS B 79 -6.14 -15.04 -7.22
C CYS B 79 -5.30 -15.71 -8.28
N TRP B 80 -4.89 -14.99 -9.32
CA TRP B 80 -4.01 -15.49 -10.37
C TRP B 80 -2.72 -14.63 -10.35
N LYS B 81 -1.64 -15.20 -10.73
CA LYS B 81 -0.36 -14.42 -10.81
C LYS B 81 0.04 -14.31 -12.27
N LEU B 82 0.69 -13.23 -12.69
CA LEU B 82 1.19 -13.01 -14.07
C LEU B 82 2.71 -12.86 -14.04
N PRO B 83 3.48 -13.42 -14.97
CA PRO B 83 2.98 -14.17 -16.10
C PRO B 83 2.58 -15.58 -15.89
N ASP B 84 2.55 -16.12 -14.70
CA ASP B 84 2.24 -17.53 -14.42
C ASP B 84 0.97 -18.05 -15.11
N ALA B 85 -0.16 -17.44 -14.82
CA ALA B 85 -1.41 -17.82 -15.40
C ALA B 85 -1.22 -18.12 -16.86
N LEU B 86 -0.33 -17.50 -17.55
CA LEU B 86 -0.23 -17.77 -19.01
C LEU B 86 0.89 -18.73 -19.34
N LYS B 87 1.60 -19.34 -18.47
CA LYS B 87 2.78 -20.19 -18.63
C LYS B 87 2.57 -21.28 -19.63
N ASP B 88 1.38 -21.64 -19.93
CA ASP B 88 1.03 -22.64 -20.90
C ASP B 88 0.20 -22.20 -22.06
N MET B 89 0.01 -20.92 -22.31
CA MET B 89 -0.82 -20.50 -23.42
C MET B 89 0.02 -20.33 -24.66
N GLY B 90 -0.24 -21.18 -25.60
CA GLY B 90 0.26 -21.08 -26.99
C GLY B 90 1.73 -20.74 -27.03
N VAL B 91 2.09 -19.89 -27.99
CA VAL B 91 3.51 -19.52 -28.13
C VAL B 91 3.97 -18.55 -27.06
N PHE B 92 3.06 -17.94 -26.29
CA PHE B 92 3.47 -17.00 -25.23
C PHE B 92 4.30 -17.85 -24.26
N GLY B 93 3.66 -18.90 -23.81
CA GLY B 93 4.29 -19.84 -22.92
C GLY B 93 5.56 -20.41 -23.41
N GLN B 94 5.71 -20.77 -24.65
CA GLN B 94 6.95 -21.43 -25.10
C GLN B 94 8.11 -20.45 -24.93
N ASN B 95 7.87 -19.24 -25.41
CA ASN B 95 8.84 -18.14 -25.42
C ASN B 95 9.34 -17.95 -24.00
N MET B 96 8.36 -18.01 -23.09
CA MET B 96 8.57 -17.84 -21.66
C MET B 96 9.59 -18.81 -21.13
N PHE B 97 9.46 -20.11 -21.42
CA PHE B 97 10.37 -21.14 -20.92
C PHE B 97 11.70 -21.18 -21.61
N PHE B 98 11.74 -20.73 -22.85
CA PHE B 98 12.87 -20.70 -23.70
C PHE B 98 13.70 -19.46 -23.55
N HIS B 99 13.30 -18.27 -23.15
CA HIS B 99 14.30 -17.19 -22.99
C HIS B 99 14.63 -16.99 -21.53
N SER B 100 15.80 -16.55 -21.27
CA SER B 100 16.34 -16.15 -20.00
C SER B 100 15.59 -14.98 -19.39
N LEU B 101 15.11 -14.07 -20.15
CA LEU B 101 14.45 -12.83 -19.66
C LEU B 101 13.28 -12.47 -20.51
N GLY B 102 12.31 -11.78 -20.04
CA GLY B 102 11.15 -11.46 -21.00
C GLY B 102 10.50 -10.27 -20.29
N ARG B 103 9.58 -9.65 -20.93
CA ARG B 103 8.90 -8.45 -20.27
C ARG B 103 7.57 -8.31 -20.94
N SER B 104 6.52 -7.86 -20.21
CA SER B 104 5.21 -7.76 -20.88
C SER B 104 4.21 -6.92 -20.16
N GLY B 105 3.23 -6.36 -20.80
CA GLY B 105 2.12 -5.63 -20.17
C GLY B 105 0.91 -6.51 -20.49
N TYR B 106 -0.29 -6.23 -20.02
CA TYR B 106 -1.43 -7.10 -20.36
C TYR B 106 -2.71 -6.30 -20.45
N THR B 107 -3.69 -6.82 -21.16
CA THR B 107 -5.06 -6.31 -21.05
C THR B 107 -5.83 -7.43 -20.30
N VAL B 108 -6.43 -7.20 -19.19
CA VAL B 108 -7.20 -8.20 -18.41
C VAL B 108 -8.67 -7.90 -18.60
N HIS B 109 -9.47 -8.86 -18.98
CA HIS B 109 -10.94 -8.57 -19.19
C HIS B 109 -11.71 -9.53 -18.33
N VAL B 110 -12.28 -9.24 -17.21
CA VAL B 110 -13.04 -10.22 -16.36
C VAL B 110 -14.53 -10.11 -16.68
N GLN B 111 -15.18 -11.21 -16.92
CA GLN B 111 -16.56 -11.30 -17.38
C GLN B 111 -17.53 -12.01 -16.42
N CYS B 112 -18.67 -11.38 -16.15
CA CYS B 112 -19.68 -12.05 -15.33
C CYS B 112 -21.04 -11.47 -15.59
N ASN B 113 -21.90 -12.13 -16.33
CA ASN B 113 -23.25 -11.52 -16.61
C ASN B 113 -24.35 -12.24 -15.82
N ALA B 114 -25.44 -11.60 -15.54
CA ALA B 114 -26.52 -12.14 -14.69
C ALA B 114 -27.83 -11.62 -15.22
N THR B 115 -28.76 -11.15 -14.44
CA THR B 115 -29.99 -10.53 -15.02
C THR B 115 -30.35 -9.34 -14.12
N LYS B 116 -31.41 -8.59 -14.47
CA LYS B 116 -31.73 -7.41 -13.60
C LYS B 116 -32.40 -7.83 -12.31
N PHE B 117 -32.42 -9.10 -11.96
CA PHE B 117 -33.02 -9.50 -10.66
C PHE B 117 -31.88 -9.95 -9.74
N HIS B 118 -30.71 -10.25 -10.32
CA HIS B 118 -29.55 -10.65 -9.44
C HIS B 118 -28.94 -9.45 -8.77
N SER B 119 -28.15 -9.62 -7.74
CA SER B 119 -27.38 -8.62 -7.01
C SER B 119 -26.04 -9.34 -6.71
N GLY B 120 -25.07 -8.56 -6.43
CA GLY B 120 -23.70 -9.19 -6.13
C GLY B 120 -22.72 -8.12 -6.69
N CYS B 121 -21.54 -8.07 -6.19
CA CYS B 121 -20.56 -7.11 -6.67
C CYS B 121 -19.17 -7.64 -6.51
N LEU B 122 -18.33 -7.82 -7.50
CA LEU B 122 -16.98 -8.38 -7.37
C LEU B 122 -15.97 -7.24 -7.38
N LEU B 123 -14.87 -7.29 -6.72
CA LEU B 123 -13.78 -6.27 -6.84
C LEU B 123 -12.76 -6.89 -7.79
N VAL B 124 -12.30 -6.30 -8.82
CA VAL B 124 -11.28 -6.84 -9.72
C VAL B 124 -10.05 -5.98 -9.51
N VAL B 125 -8.96 -6.43 -8.95
CA VAL B 125 -7.83 -5.53 -8.63
C VAL B 125 -6.53 -6.10 -9.07
N VAL B 126 -5.59 -5.26 -9.44
CA VAL B 126 -4.24 -5.74 -9.85
C VAL B 126 -3.24 -5.29 -8.83
N ILE B 127 -2.51 -6.15 -8.17
CA ILE B 127 -1.54 -5.72 -7.13
C ILE B 127 -0.11 -5.91 -7.57
N PRO B 128 0.65 -4.84 -7.81
CA PRO B 128 2.05 -5.01 -8.24
C PRO B 128 2.79 -5.57 -7.04
N GLU B 129 3.65 -6.54 -7.26
CA GLU B 129 4.44 -7.25 -6.30
C GLU B 129 3.72 -7.80 -5.12
N HIS B 130 2.72 -8.56 -5.25
CA HIS B 130 1.93 -9.18 -4.20
C HIS B 130 2.62 -10.31 -3.47
N GLN B 131 3.51 -10.05 -2.57
CA GLN B 131 4.27 -11.08 -1.80
C GLN B 131 3.30 -11.68 -0.81
N LEU B 132 2.98 -12.94 -0.89
CA LEU B 132 1.96 -13.63 -0.04
C LEU B 132 2.53 -13.94 1.33
N ALA B 133 1.71 -14.27 2.28
CA ALA B 133 2.15 -14.64 3.65
C ALA B 133 1.93 -16.11 3.87
N SER B 134 2.78 -16.73 4.70
CA SER B 134 2.59 -18.16 5.04
C SER B 134 1.51 -18.21 6.09
N HIS B 135 0.57 -19.09 6.06
CA HIS B 135 -0.42 -19.19 7.19
C HIS B 135 0.26 -19.70 8.44
N GLU B 136 1.41 -20.33 8.38
CA GLU B 136 2.11 -20.76 9.57
C GLU B 136 2.58 -19.64 10.48
N GLY B 137 2.74 -18.45 10.00
CA GLY B 137 3.28 -17.33 10.84
C GLY B 137 4.79 -17.38 10.85
N GLY B 138 5.36 -16.77 11.86
CA GLY B 138 6.84 -16.80 12.03
C GLY B 138 7.57 -16.44 10.80
N ASN B 139 8.42 -17.26 10.28
CA ASN B 139 9.14 -16.91 9.01
C ASN B 139 9.09 -18.13 8.12
N VAL B 140 7.97 -18.83 8.20
CA VAL B 140 7.76 -20.00 7.31
C VAL B 140 7.68 -19.44 5.90
N SER B 141 8.28 -20.10 4.92
CA SER B 141 8.20 -19.51 3.53
C SER B 141 7.00 -20.07 2.81
N VAL B 142 6.67 -19.62 1.63
CA VAL B 142 5.57 -20.13 0.83
C VAL B 142 6.26 -20.80 -0.36
N LYS B 143 6.21 -22.10 -0.46
CA LYS B 143 6.91 -22.79 -1.53
C LYS B 143 6.34 -22.37 -2.92
N TYR B 144 7.28 -22.44 -3.85
CA TYR B 144 7.25 -22.13 -5.25
C TYR B 144 5.96 -22.59 -5.90
N THR B 145 5.83 -23.86 -5.89
CA THR B 145 4.56 -24.43 -6.43
C THR B 145 3.37 -23.69 -5.92
N PHE B 146 3.31 -23.39 -4.67
CA PHE B 146 2.13 -22.69 -4.16
C PHE B 146 1.90 -21.33 -4.73
N THR B 147 2.87 -20.62 -5.19
CA THR B 147 2.72 -19.30 -5.73
C THR B 147 2.81 -19.40 -7.25
N HIS B 148 2.69 -20.54 -7.81
CA HIS B 148 2.70 -20.71 -9.25
C HIS B 148 1.58 -21.66 -9.68
N PRO B 149 0.35 -21.39 -9.23
CA PRO B 149 -0.78 -22.19 -9.55
C PRO B 149 -1.06 -22.31 -10.99
N GLY B 150 -0.51 -21.51 -11.86
CA GLY B 150 -0.83 -21.69 -13.32
C GLY B 150 -2.25 -21.17 -13.52
N GLU B 151 -2.85 -21.66 -14.56
CA GLU B 151 -4.16 -21.10 -15.06
C GLU B 151 -5.18 -21.32 -14.02
N ARG B 152 -5.02 -22.28 -13.17
CA ARG B 152 -5.98 -22.60 -12.11
C ARG B 152 -6.11 -21.48 -11.10
N GLY B 153 -5.01 -20.79 -10.85
CA GLY B 153 -4.99 -19.66 -9.89
C GLY B 153 -5.14 -20.26 -8.50
N ILE B 154 -5.27 -19.51 -7.51
CA ILE B 154 -5.41 -19.85 -6.13
C ILE B 154 -6.86 -19.63 -5.72
N ASP B 155 -7.50 -20.51 -4.99
CA ASP B 155 -8.90 -20.38 -4.60
C ASP B 155 -8.88 -20.13 -3.09
N LEU B 156 -9.18 -18.90 -2.83
CA LEU B 156 -9.21 -18.39 -1.46
C LEU B 156 -10.19 -19.10 -0.59
N SER B 157 -10.93 -20.04 -1.08
CA SER B 157 -11.90 -20.71 -0.14
C SER B 157 -11.47 -22.16 -0.05
N SER B 158 -10.32 -22.46 -0.63
CA SER B 158 -9.71 -23.79 -0.51
C SER B 158 -9.06 -23.86 0.87
N ALA B 159 -8.62 -25.01 1.28
CA ALA B 159 -8.01 -25.14 2.64
C ALA B 159 -6.55 -24.78 2.75
N ASN B 160 -6.13 -24.36 3.96
CA ASN B 160 -4.66 -24.13 4.10
C ASN B 160 -3.94 -25.39 3.67
N GLU B 161 -2.84 -25.26 3.00
CA GLU B 161 -2.02 -26.50 2.67
C GLU B 161 -0.62 -26.21 3.20
N VAL B 162 0.26 -27.18 3.06
CA VAL B 162 1.56 -26.97 3.85
C VAL B 162 2.54 -26.41 2.90
N GLY B 163 3.01 -25.21 3.20
CA GLY B 163 4.02 -24.63 2.27
C GLY B 163 3.32 -23.68 1.32
N GLY B 164 2.02 -23.67 1.50
CA GLY B 164 1.17 -22.75 0.72
C GLY B 164 0.99 -21.44 1.51
N PRO B 165 0.36 -20.46 0.86
CA PRO B 165 0.05 -19.16 1.45
C PRO B 165 -1.19 -19.23 2.32
N VAL B 166 -1.45 -18.21 3.08
CA VAL B 166 -2.68 -18.08 3.90
C VAL B 166 -3.80 -17.68 2.96
N LYS B 167 -5.08 -18.00 3.20
CA LYS B 167 -6.09 -17.63 2.16
C LYS B 167 -7.20 -16.81 2.73
N ASP B 168 -6.95 -16.15 3.80
CA ASP B 168 -7.87 -15.29 4.55
C ASP B 168 -8.23 -14.06 3.78
N VAL B 169 -9.33 -13.79 3.21
CA VAL B 169 -9.66 -12.60 2.48
C VAL B 169 -9.61 -11.27 3.25
N LEU B 170 -10.14 -11.10 4.46
CA LEU B 170 -10.09 -9.70 5.05
C LEU B 170 -8.61 -9.31 5.10
N TYR B 171 -7.62 -10.11 4.86
CA TYR B 171 -6.23 -9.65 4.92
C TYR B 171 -5.43 -9.68 3.65
N ASN B 172 -6.00 -9.77 2.45
CA ASN B 172 -5.33 -9.71 1.19
C ASN B 172 -4.20 -10.73 1.09
N MET B 173 -4.17 -11.78 1.86
CA MET B 173 -3.07 -12.75 1.79
C MET B 173 -1.73 -12.11 2.19
N ASN B 174 -1.76 -10.99 2.90
CA ASN B 174 -0.51 -10.39 3.35
C ASN B 174 -0.58 -9.48 4.55
N GLY B 175 -1.53 -9.39 5.41
CA GLY B 175 -1.43 -8.53 6.55
C GLY B 175 -1.94 -7.14 6.26
N THR B 176 -2.71 -6.96 5.24
CA THR B 176 -3.36 -5.60 4.99
C THR B 176 -4.83 -5.78 4.86
N LEU B 177 -5.66 -4.79 5.04
CA LEU B 177 -7.13 -5.02 5.04
C LEU B 177 -7.77 -4.94 3.67
N LEU B 178 -8.72 -5.83 3.37
CA LEU B 178 -9.46 -5.89 2.11
C LEU B 178 -9.95 -4.49 1.72
N GLY B 179 -10.54 -3.79 2.61
CA GLY B 179 -10.99 -2.43 2.38
C GLY B 179 -10.03 -1.53 1.71
N ASN B 180 -8.72 -1.63 1.83
CA ASN B 180 -7.76 -0.71 1.24
C ASN B 180 -7.15 -1.16 -0.03
N LEU B 181 -7.64 -2.13 -0.65
CA LEU B 181 -7.13 -2.69 -1.91
C LEU B 181 -7.47 -1.70 -3.00
N LEU B 182 -8.36 -0.80 -2.66
CA LEU B 182 -8.84 0.22 -3.61
C LEU B 182 -7.70 1.17 -3.92
N ILE B 183 -6.61 1.20 -3.12
CA ILE B 183 -5.49 2.05 -3.57
C ILE B 183 -4.82 1.42 -4.82
N PHE B 184 -5.04 0.16 -5.16
CA PHE B 184 -4.48 -0.46 -6.38
C PHE B 184 -5.42 -0.28 -7.56
N PRO B 185 -4.89 -0.20 -8.79
CA PRO B 185 -5.78 -0.05 -9.99
C PRO B 185 -6.86 -1.08 -9.88
N HIS B 186 -8.10 -0.74 -9.92
CA HIS B 186 -9.13 -1.80 -9.78
C HIS B 186 -10.40 -1.33 -10.39
N GLN B 187 -11.34 -2.23 -10.47
CA GLN B 187 -12.72 -1.82 -11.11
C GLN B 187 -13.70 -2.73 -10.48
N PHE B 188 -14.96 -2.45 -10.26
CA PHE B 188 -15.94 -3.34 -9.60
C PHE B 188 -16.79 -3.97 -10.71
N ILE B 189 -17.40 -5.08 -10.52
CA ILE B 189 -18.40 -5.64 -11.48
C ILE B 189 -19.69 -5.67 -10.62
N ASN B 190 -20.58 -4.78 -10.74
CA ASN B 190 -21.83 -4.76 -9.86
C ASN B 190 -22.96 -5.19 -10.82
N LEU B 191 -23.49 -6.38 -10.58
CA LEU B 191 -24.43 -7.00 -11.53
C LEU B 191 -25.40 -5.98 -12.02
N ARG B 192 -25.80 -5.09 -11.16
CA ARG B 192 -26.79 -4.08 -11.54
C ARG B 192 -26.24 -3.06 -12.50
N THR B 193 -24.97 -2.89 -12.76
CA THR B 193 -24.38 -1.86 -13.55
C THR B 193 -23.64 -2.36 -14.76
N ASN B 194 -22.60 -2.99 -14.58
CA ASN B 194 -21.51 -3.64 -15.08
C ASN B 194 -21.59 -5.07 -15.43
N ASN B 195 -20.89 -5.67 -16.37
CA ASN B 195 -20.89 -7.14 -16.59
C ASN B 195 -19.45 -7.55 -16.87
N THR B 196 -18.58 -6.61 -17.15
CA THR B 196 -17.15 -6.88 -17.31
C THR B 196 -16.37 -5.80 -16.58
N ALA B 197 -15.09 -6.03 -16.43
CA ALA B 197 -14.05 -5.18 -15.84
C ALA B 197 -12.86 -5.30 -16.80
N THR B 198 -12.18 -4.24 -17.16
CA THR B 198 -11.01 -4.30 -18.04
C THR B 198 -9.93 -3.40 -17.45
N ILE B 199 -8.76 -3.94 -17.29
CA ILE B 199 -7.63 -3.18 -16.75
C ILE B 199 -6.46 -3.34 -17.69
N VAL B 200 -5.77 -2.31 -18.10
CA VAL B 200 -4.55 -2.40 -18.96
C VAL B 200 -3.39 -2.24 -18.00
N ILE B 201 -2.47 -3.18 -18.00
CA ILE B 201 -1.31 -3.19 -17.08
C ILE B 201 0.00 -2.93 -17.84
N PRO B 202 0.64 -1.82 -17.53
CA PRO B 202 1.96 -1.50 -18.07
C PRO B 202 2.97 -2.37 -17.32
N TYR B 203 4.12 -2.62 -17.75
CA TYR B 203 5.15 -3.44 -17.09
C TYR B 203 5.69 -2.72 -15.89
N ILE B 204 5.60 -3.16 -14.67
CA ILE B 204 6.08 -2.41 -13.47
C ILE B 204 7.15 -3.18 -12.76
N ASN B 205 8.36 -2.82 -12.75
CA ASN B 205 9.45 -3.57 -12.08
C ASN B 205 10.55 -2.60 -11.71
N SER B 206 11.52 -3.01 -10.89
CA SER B 206 12.65 -2.20 -10.44
C SER B 206 13.88 -2.54 -11.33
N VAL B 207 13.71 -3.44 -12.25
CA VAL B 207 14.72 -3.76 -13.26
C VAL B 207 14.08 -3.70 -14.63
N PRO B 208 14.88 -3.45 -15.67
CA PRO B 208 14.31 -3.24 -16.99
C PRO B 208 13.65 -4.43 -17.63
N ILE B 209 14.03 -5.60 -17.27
CA ILE B 209 13.58 -6.90 -17.79
C ILE B 209 13.99 -7.89 -16.68
N ASP B 210 13.28 -8.94 -16.56
CA ASP B 210 13.49 -9.89 -15.46
C ASP B 210 13.27 -11.29 -15.89
N SER B 211 13.31 -12.23 -14.99
CA SER B 211 13.02 -13.63 -15.34
C SER B 211 11.53 -13.85 -15.29
N MET B 212 10.94 -14.57 -16.20
CA MET B 212 9.46 -14.74 -16.14
C MET B 212 9.09 -15.87 -15.25
N THR B 213 10.00 -16.70 -14.84
CA THR B 213 9.62 -17.87 -14.04
C THR B 213 9.95 -17.62 -12.63
N ARG B 214 11.00 -16.99 -12.21
CA ARG B 214 11.24 -16.90 -10.73
C ARG B 214 10.52 -15.74 -10.16
N HIS B 215 9.88 -14.91 -10.92
CA HIS B 215 9.21 -13.72 -10.27
C HIS B 215 7.94 -13.32 -10.97
N ASN B 216 6.83 -13.25 -10.29
CA ASN B 216 5.55 -12.86 -10.89
C ASN B 216 5.45 -11.36 -10.57
N ASN B 217 4.96 -10.56 -11.48
CA ASN B 217 5.00 -9.12 -11.17
C ASN B 217 3.65 -8.59 -10.89
N VAL B 218 2.55 -9.28 -11.03
CA VAL B 218 1.23 -8.74 -10.56
C VAL B 218 0.40 -9.97 -10.16
N SER B 219 -0.48 -9.74 -9.24
CA SER B 219 -1.51 -10.84 -8.99
C SER B 219 -2.81 -10.11 -9.44
N LEU B 220 -3.63 -10.77 -10.13
CA LEU B 220 -4.97 -10.27 -10.50
C LEU B 220 -5.84 -10.89 -9.42
N MET B 221 -6.74 -10.24 -8.82
CA MET B 221 -7.58 -10.84 -7.75
C MET B 221 -9.03 -10.53 -8.03
N VAL B 222 -9.91 -11.49 -8.03
CA VAL B 222 -11.37 -11.20 -8.22
C VAL B 222 -11.99 -11.62 -6.88
N ILE B 223 -12.63 -10.74 -6.15
CA ILE B 223 -13.20 -11.04 -4.80
C ILE B 223 -14.63 -10.68 -4.68
N PRO B 224 -15.53 -11.61 -4.41
CA PRO B 224 -16.97 -11.20 -4.21
C PRO B 224 -16.99 -10.31 -2.97
N ILE B 225 -17.61 -9.20 -2.93
CA ILE B 225 -17.72 -8.31 -1.77
C ILE B 225 -19.19 -8.23 -1.36
N ALA B 226 -20.10 -7.88 -2.25
CA ALA B 226 -21.53 -7.97 -1.90
C ALA B 226 -21.84 -9.39 -2.49
N PRO B 227 -22.23 -10.27 -1.61
CA PRO B 227 -22.57 -11.66 -1.92
C PRO B 227 -23.52 -11.77 -3.08
N LEU B 228 -23.38 -12.90 -3.78
CA LEU B 228 -24.28 -13.13 -4.95
C LEU B 228 -25.67 -13.40 -4.42
N THR B 229 -26.65 -12.78 -4.97
CA THR B 229 -28.05 -13.07 -4.53
C THR B 229 -28.91 -13.34 -5.72
N VAL B 230 -29.29 -14.60 -5.98
CA VAL B 230 -30.09 -14.83 -7.21
C VAL B 230 -31.58 -14.70 -6.97
N PRO B 231 -32.28 -14.42 -8.05
CA PRO B 231 -33.76 -14.33 -7.98
C PRO B 231 -34.25 -15.68 -7.47
N THR B 232 -35.46 -15.68 -7.00
CA THR B 232 -36.14 -16.79 -6.41
C THR B 232 -36.24 -17.99 -7.33
N GLY B 233 -35.76 -19.06 -6.63
CA GLY B 233 -35.69 -20.36 -7.39
C GLY B 233 -34.81 -20.26 -8.62
N ALA B 234 -33.85 -19.35 -8.58
CA ALA B 234 -32.85 -19.32 -9.68
C ALA B 234 -31.78 -20.29 -9.22
N THR B 235 -30.99 -20.78 -10.14
CA THR B 235 -29.81 -21.51 -9.67
C THR B 235 -28.92 -20.54 -8.88
N PRO B 236 -28.48 -21.01 -7.83
CA PRO B 236 -27.65 -20.12 -6.97
C PRO B 236 -26.26 -19.99 -7.43
N SER B 237 -25.93 -19.85 -8.69
CA SER B 237 -24.47 -19.52 -8.97
C SER B 237 -24.32 -18.91 -10.33
N LEU B 238 -23.22 -18.24 -10.59
CA LEU B 238 -22.87 -17.62 -11.92
C LEU B 238 -21.45 -17.99 -12.24
N PRO B 239 -21.07 -18.23 -13.46
CA PRO B 239 -19.61 -18.49 -13.79
C PRO B 239 -18.92 -17.15 -13.89
N ILE B 240 -17.69 -17.05 -13.61
CA ILE B 240 -16.88 -15.80 -13.83
C ILE B 240 -15.80 -16.21 -14.86
N THR B 241 -15.56 -15.57 -15.94
CA THR B 241 -14.47 -15.97 -16.85
C THR B 241 -13.37 -14.96 -16.91
N VAL B 242 -12.12 -15.32 -16.92
CA VAL B 242 -11.03 -14.28 -17.02
C VAL B 242 -10.35 -14.43 -18.37
N THR B 243 -10.28 -13.45 -19.25
CA THR B 243 -9.51 -13.55 -20.53
C THR B 243 -8.38 -12.57 -20.43
N ILE B 244 -7.17 -12.86 -20.66
CA ILE B 244 -5.99 -12.00 -20.56
C ILE B 244 -5.10 -12.01 -21.80
N ALA B 245 -4.62 -10.84 -22.25
CA ALA B 245 -3.75 -10.78 -23.44
C ALA B 245 -2.43 -10.13 -23.17
N PRO B 246 -1.33 -10.79 -23.34
CA PRO B 246 -0.01 -10.12 -23.24
C PRO B 246 -0.01 -9.00 -24.28
N MET B 247 0.69 -7.93 -23.91
CA MET B 247 0.78 -6.77 -24.89
C MET B 247 2.16 -6.16 -24.68
N CYS B 248 2.71 -5.78 -25.85
CA CYS B 248 4.08 -5.35 -26.06
C CYS B 248 5.08 -6.38 -25.49
N THR B 249 4.94 -7.62 -25.65
CA THR B 249 5.87 -8.60 -25.09
C THR B 249 7.18 -8.62 -25.78
N GLU B 250 8.26 -8.77 -25.00
CA GLU B 250 9.64 -8.88 -25.56
C GLU B 250 10.36 -10.01 -24.77
N PHE B 251 11.08 -10.80 -25.50
CA PHE B 251 11.84 -11.89 -24.85
C PHE B 251 13.28 -11.67 -25.19
N SER B 252 14.17 -12.04 -24.35
CA SER B 252 15.62 -11.88 -24.60
C SER B 252 16.41 -12.93 -23.89
N GLY B 253 17.57 -13.27 -24.48
CA GLY B 253 18.47 -14.30 -23.89
C GLY B 253 17.91 -15.69 -24.10
N ILE B 254 17.85 -16.13 -25.34
CA ILE B 254 17.32 -17.40 -25.76
C ILE B 254 18.40 -18.48 -25.58
N ARG B 255 17.88 -19.65 -25.32
CA ARG B 255 18.75 -20.80 -25.01
C ARG B 255 17.97 -22.11 -24.89
N SER B 256 18.34 -22.81 -23.86
CA SER B 256 17.97 -24.17 -23.69
C SER B 256 16.61 -24.33 -23.17
N LYS B 257 15.92 -23.55 -22.46
CA LYS B 257 14.53 -24.01 -22.03
C LYS B 257 14.51 -24.43 -20.55
N SER B 258 14.03 -23.56 -19.69
CA SER B 258 14.01 -23.67 -18.29
C SER B 258 13.23 -24.92 -17.87
N ILE B 259 13.73 -25.45 -16.76
CA ILE B 259 13.00 -26.63 -16.11
C ILE B 259 12.53 -26.15 -14.75
N VAL B 260 11.26 -26.13 -14.45
CA VAL B 260 10.97 -25.46 -13.09
C VAL B 260 10.32 -26.50 -12.24
N PRO B 261 10.46 -26.36 -10.92
CA PRO B 261 9.84 -27.24 -10.01
C PRO B 261 8.37 -27.52 -10.39
N GLN B 262 8.15 -28.82 -10.12
CA GLN B 262 6.92 -29.58 -10.12
C GLN B 262 6.29 -29.66 -11.47
N GLY C 1 44.53 30.07 12.75
CA GLY C 1 43.30 29.75 13.69
C GLY C 1 42.18 30.64 14.05
N LEU C 2 40.95 30.58 13.47
CA LEU C 2 39.84 31.48 13.69
C LEU C 2 39.09 31.31 14.98
N PRO C 3 38.92 32.30 15.86
CA PRO C 3 38.27 32.15 17.18
C PRO C 3 36.82 31.81 17.13
N THR C 4 36.31 30.81 17.80
CA THR C 4 34.94 30.36 17.86
C THR C 4 34.48 30.26 19.31
N THR C 5 33.18 30.13 19.50
CA THR C 5 32.50 29.91 20.76
C THR C 5 31.45 28.82 20.63
N THR C 6 31.34 27.77 21.40
CA THR C 6 30.23 26.79 21.00
C THR C 6 29.02 27.07 21.75
N LEU C 7 27.82 26.89 21.17
CA LEU C 7 26.56 27.25 21.89
C LEU C 7 25.93 26.01 22.57
N PRO C 8 24.96 26.32 23.40
CA PRO C 8 24.16 25.27 24.03
C PRO C 8 23.65 24.41 22.89
N GLY C 9 23.63 23.12 22.99
CA GLY C 9 23.06 22.20 21.98
C GLY C 9 24.19 21.52 21.22
N SER C 10 25.40 22.05 21.39
CA SER C 10 26.53 21.39 20.69
C SER C 10 26.54 19.91 21.08
N GLY C 11 26.93 19.09 20.16
CA GLY C 11 26.95 17.68 20.31
C GLY C 11 25.62 17.04 20.39
N GLN C 12 24.51 17.65 20.38
CA GLN C 12 23.23 16.88 20.51
C GLN C 12 22.91 16.18 19.23
N PHE C 13 22.12 15.16 19.25
CA PHE C 13 21.59 14.44 18.02
C PHE C 13 20.07 14.63 17.98
N LEU C 14 19.55 15.38 17.07
CA LEU C 14 18.09 15.65 16.99
C LEU C 14 17.58 14.83 15.83
N THR C 15 16.73 13.84 15.96
CA THR C 15 16.44 12.94 14.82
C THR C 15 15.89 13.68 13.64
N THR C 16 15.48 14.91 13.74
CA THR C 16 14.80 15.73 12.74
C THR C 16 15.55 16.81 12.07
N ASP C 17 16.84 16.98 12.36
CA ASP C 17 17.71 17.99 11.85
C ASP C 17 18.14 17.54 10.46
N ASP C 18 18.63 18.38 9.58
CA ASP C 18 19.01 17.95 8.22
C ASP C 18 20.32 18.58 7.80
N ARG C 19 21.40 17.86 7.92
CA ARG C 19 22.73 18.40 7.61
C ARG C 19 23.53 17.48 6.70
N GLN C 20 24.75 17.96 6.34
CA GLN C 20 25.63 17.17 5.45
C GLN C 20 26.48 16.19 6.27
N SER C 21 26.94 15.14 5.73
CA SER C 21 27.75 14.12 6.30
C SER C 21 28.75 13.63 5.30
N PRO C 22 29.84 13.16 5.78
CA PRO C 22 30.82 12.51 4.83
C PRO C 22 30.21 11.24 4.24
N SER C 23 30.45 10.95 2.97
CA SER C 23 30.01 9.67 2.38
C SER C 23 31.03 8.57 2.75
N ALA C 24 30.59 7.45 3.27
CA ALA C 24 31.46 6.31 3.58
C ALA C 24 32.02 5.66 2.31
N LEU C 25 31.35 5.66 1.23
CA LEU C 25 31.66 5.15 -0.06
C LEU C 25 31.98 6.29 -1.07
N PRO C 26 33.15 6.85 -0.91
CA PRO C 26 33.60 7.93 -1.80
C PRO C 26 33.70 7.30 -3.20
N ASN C 27 33.14 8.03 -4.10
CA ASN C 27 33.15 7.82 -5.51
C ASN C 27 32.38 6.75 -6.21
N TYR C 28 31.55 6.15 -5.49
CA TYR C 28 30.68 5.03 -5.88
C TYR C 28 29.61 5.53 -6.81
N GLU C 29 29.25 4.82 -7.78
CA GLU C 29 28.25 5.17 -8.75
C GLU C 29 27.01 4.40 -8.69
N PRO C 30 25.91 5.01 -8.25
CA PRO C 30 24.62 4.26 -8.06
C PRO C 30 24.04 3.73 -9.34
N THR C 31 23.20 2.69 -9.31
CA THR C 31 22.55 2.17 -10.50
C THR C 31 21.68 3.22 -11.11
N PRO C 32 21.66 3.29 -12.42
CA PRO C 32 20.86 4.28 -13.17
C PRO C 32 19.41 4.18 -12.79
N ARG C 33 18.63 5.21 -12.83
CA ARG C 33 17.16 5.00 -12.52
C ARG C 33 16.48 4.54 -13.80
N ILE C 34 15.52 3.67 -13.82
CA ILE C 34 14.79 3.38 -15.10
C ILE C 34 13.41 3.97 -14.82
N HIS C 35 12.47 3.91 -15.69
CA HIS C 35 11.15 4.56 -15.43
C HIS C 35 10.25 3.60 -14.72
N ILE C 36 9.48 3.95 -13.77
CA ILE C 36 8.56 2.90 -13.13
C ILE C 36 7.25 3.65 -13.06
N PRO C 37 6.12 3.20 -13.51
CA PRO C 37 4.85 3.94 -13.36
C PRO C 37 4.56 4.09 -11.88
N GLY C 38 3.70 4.96 -11.42
CA GLY C 38 3.28 5.09 -10.09
C GLY C 38 3.96 5.89 -9.11
N LYS C 39 4.79 6.87 -9.39
CA LYS C 39 5.57 7.62 -8.38
C LYS C 39 4.65 8.44 -7.52
N VAL C 40 4.92 8.41 -6.21
CA VAL C 40 4.13 9.20 -5.21
C VAL C 40 4.95 10.38 -4.76
N HIS C 41 4.45 11.58 -4.66
CA HIS C 41 5.27 12.64 -4.13
C HIS C 41 4.75 13.10 -2.78
N ASN C 42 3.49 13.20 -2.56
CA ASN C 42 2.93 13.73 -1.33
C ASN C 42 1.96 12.73 -0.74
N LEU C 43 1.86 12.61 0.55
CA LEU C 43 0.82 11.69 1.09
C LEU C 43 -0.54 12.30 0.71
N LEU C 44 -0.54 13.59 0.39
CA LEU C 44 -1.83 14.27 0.03
C LEU C 44 -2.26 13.71 -1.29
N GLU C 45 -1.36 13.15 -2.09
CA GLU C 45 -1.83 12.64 -3.37
C GLU C 45 -2.69 11.40 -3.17
N ILE C 46 -2.23 10.53 -2.29
CA ILE C 46 -2.93 9.27 -2.09
C ILE C 46 -4.16 9.33 -1.24
N ILE C 47 -4.28 10.18 -0.22
CA ILE C 47 -5.53 10.19 0.59
C ILE C 47 -6.72 10.70 -0.22
N GLN C 48 -6.57 11.06 -1.49
CA GLN C 48 -7.72 11.43 -2.32
C GLN C 48 -8.28 10.24 -3.06
N VAL C 49 -7.63 9.11 -3.05
CA VAL C 49 -8.21 7.86 -3.62
C VAL C 49 -9.18 7.30 -2.59
N ASP C 50 -10.39 6.94 -2.98
CA ASP C 50 -11.33 6.47 -1.91
C ASP C 50 -11.10 4.98 -1.67
N THR C 51 -11.36 4.59 -0.45
CA THR C 51 -11.30 3.21 0.03
C THR C 51 -12.55 2.97 0.88
N LEU C 52 -12.91 1.73 1.02
CA LEU C 52 -14.09 1.23 1.69
C LEU C 52 -13.98 1.44 3.21
N ILE C 53 -15.05 1.75 3.87
CA ILE C 53 -15.17 1.90 5.31
C ILE C 53 -15.88 0.71 5.94
N PRO C 54 -15.29 0.04 6.89
CA PRO C 54 -16.01 -1.11 7.55
C PRO C 54 -17.08 -0.48 8.42
N MET C 55 -18.15 0.05 7.88
CA MET C 55 -19.17 0.74 8.61
C MET C 55 -19.98 -0.14 9.55
N ASN C 56 -20.24 -1.34 9.13
CA ASN C 56 -20.95 -2.39 9.78
C ASN C 56 -20.12 -3.17 10.80
N ASN C 57 -19.22 -2.52 11.49
CA ASN C 57 -18.54 -2.83 12.63
C ASN C 57 -19.08 -3.72 13.75
N THR C 58 -20.26 -4.12 13.75
CA THR C 58 -21.00 -4.86 14.70
C THR C 58 -20.61 -6.28 14.79
N HIS C 59 -19.75 -6.75 13.92
CA HIS C 59 -19.34 -8.17 14.12
C HIS C 59 -18.36 -8.27 15.28
N THR C 60 -18.00 -9.54 15.46
CA THR C 60 -17.12 -9.95 16.53
C THR C 60 -15.76 -10.41 16.16
N LYS C 61 -15.50 -10.65 14.91
CA LYS C 61 -14.12 -10.98 14.41
C LYS C 61 -14.06 -10.25 13.06
N ASP C 62 -12.97 -9.82 12.50
CA ASP C 62 -13.00 -9.03 11.26
C ASP C 62 -13.61 -9.89 10.13
N GLU C 63 -14.56 -9.37 9.42
CA GLU C 63 -15.18 -10.10 8.31
C GLU C 63 -15.58 -9.20 7.18
N VAL C 64 -15.70 -9.77 5.95
CA VAL C 64 -15.98 -9.03 4.73
C VAL C 64 -17.33 -8.34 4.88
N ASN C 65 -17.99 -8.57 5.92
CA ASN C 65 -19.39 -8.27 6.09
C ASN C 65 -19.61 -7.01 6.80
N SER C 66 -18.45 -6.55 7.24
CA SER C 66 -18.55 -5.28 8.09
C SER C 66 -18.33 -4.12 7.14
N TYR C 67 -18.13 -4.49 5.86
CA TYR C 67 -18.02 -3.49 4.81
C TYR C 67 -19.43 -3.30 4.23
N LEU C 68 -20.34 -4.22 4.51
CA LEU C 68 -21.68 -4.17 3.92
C LEU C 68 -22.70 -3.53 4.85
N ILE C 69 -23.30 -2.42 4.45
CA ILE C 69 -24.41 -1.76 5.18
C ILE C 69 -25.69 -2.35 4.65
N PRO C 70 -26.49 -3.03 5.45
CA PRO C 70 -27.70 -3.70 4.89
C PRO C 70 -28.83 -2.71 4.79
N LEU C 71 -29.74 -3.00 3.91
CA LEU C 71 -30.94 -2.21 3.63
C LEU C 71 -32.13 -3.19 3.68
N ASN C 72 -33.24 -2.82 4.26
CA ASN C 72 -34.43 -3.63 4.34
C ASN C 72 -35.53 -3.18 3.45
N ALA C 73 -36.19 -4.01 2.62
CA ALA C 73 -37.31 -3.51 1.76
C ALA C 73 -38.49 -3.05 2.58
N ASN C 74 -39.31 -2.23 1.98
CA ASN C 74 -40.42 -1.65 2.66
C ASN C 74 -40.25 -1.04 3.99
N ARG C 75 -39.19 -0.57 4.52
CA ARG C 75 -39.26 0.21 5.82
C ARG C 75 -39.39 1.70 5.39
N GLN C 76 -40.02 2.49 6.12
CA GLN C 76 -40.33 3.92 5.85
C GLN C 76 -39.63 4.73 6.91
N ASN C 77 -39.55 6.02 6.89
CA ASN C 77 -39.01 6.86 7.92
C ASN C 77 -37.82 6.42 8.66
N GLU C 78 -37.29 5.28 8.72
CA GLU C 78 -36.24 4.74 9.62
C GLU C 78 -34.83 5.00 9.37
N GLN C 79 -33.88 4.63 10.24
CA GLN C 79 -32.47 5.00 10.08
C GLN C 79 -31.56 3.91 9.61
N VAL C 80 -30.77 4.12 8.54
CA VAL C 80 -29.88 3.13 7.96
C VAL C 80 -28.58 2.95 8.71
N PHE C 81 -27.94 3.95 9.19
CA PHE C 81 -26.63 3.79 9.91
C PHE C 81 -26.32 5.11 10.61
N GLY C 82 -25.31 5.18 11.43
CA GLY C 82 -24.98 6.46 12.13
C GLY C 82 -23.50 6.26 12.52
N THR C 83 -22.76 7.27 12.69
CA THR C 83 -21.40 7.28 13.12
C THR C 83 -20.95 8.70 13.48
N ASN C 84 -20.02 8.82 14.41
CA ASN C 84 -19.51 10.24 14.62
C ASN C 84 -18.39 10.44 13.57
N LEU C 85 -17.83 11.62 13.53
CA LEU C 85 -16.75 11.80 12.51
C LEU C 85 -15.42 11.96 13.21
N PHE C 86 -15.02 10.96 13.94
CA PHE C 86 -13.61 11.04 14.51
C PHE C 86 -12.84 10.21 13.48
N ILE C 87 -12.31 10.89 12.45
CA ILE C 87 -11.60 10.19 11.39
C ILE C 87 -10.41 9.42 11.89
N GLY C 88 -9.93 9.68 13.09
CA GLY C 88 -8.76 8.89 13.54
C GLY C 88 -9.14 7.71 14.40
N ASP C 89 -10.37 7.33 14.47
CA ASP C 89 -10.81 6.29 15.35
C ASP C 89 -11.99 5.56 14.86
N GLY C 90 -12.43 4.48 15.54
CA GLY C 90 -13.73 3.92 15.09
C GLY C 90 -13.86 3.45 13.72
N VAL C 91 -14.94 3.60 12.96
CA VAL C 91 -14.99 3.03 11.57
C VAL C 91 -13.85 3.49 10.69
N PHE C 92 -13.52 4.76 10.67
CA PHE C 92 -12.54 5.40 9.85
C PHE C 92 -11.14 4.92 10.02
N LYS C 93 -10.87 4.45 11.18
CA LYS C 93 -9.49 4.17 11.62
C LYS C 93 -8.67 3.25 10.80
N THR C 94 -9.16 2.28 10.09
CA THR C 94 -8.42 1.28 9.32
C THR C 94 -8.41 1.61 7.84
N THR C 95 -9.23 2.58 7.49
CA THR C 95 -9.27 3.03 6.09
C THR C 95 -7.94 3.71 5.78
N LEU C 96 -7.59 3.84 4.52
CA LEU C 96 -6.33 4.51 4.14
C LEU C 96 -6.28 5.93 4.66
N LEU C 97 -7.41 6.63 4.61
CA LEU C 97 -7.51 7.98 5.10
C LEU C 97 -7.22 7.96 6.61
N GLY C 98 -7.96 7.13 7.28
CA GLY C 98 -7.81 7.04 8.73
C GLY C 98 -6.37 6.71 9.12
N GLU C 99 -5.80 5.85 8.33
CA GLU C 99 -4.48 5.26 8.55
C GLU C 99 -3.40 6.27 8.36
N ILE C 100 -3.56 7.24 7.46
CA ILE C 100 -2.58 8.29 7.20
C ILE C 100 -2.74 9.46 8.15
N VAL C 101 -3.95 9.83 8.41
CA VAL C 101 -4.31 10.90 9.35
C VAL C 101 -3.62 10.66 10.68
N GLN C 102 -3.47 9.41 11.00
CA GLN C 102 -2.85 8.97 12.25
C GLN C 102 -1.38 9.23 12.23
N TYR C 103 -0.74 9.50 11.11
CA TYR C 103 0.69 9.90 11.15
C TYR C 103 0.75 11.37 11.43
N TYR C 104 -0.35 12.08 11.51
CA TYR C 104 -0.22 13.56 11.78
C TYR C 104 -1.03 13.94 12.96
N THR C 105 -0.71 15.06 13.59
CA THR C 105 -1.46 15.52 14.75
C THR C 105 -2.70 16.31 14.49
N HIS C 106 -2.75 17.13 13.49
CA HIS C 106 -3.85 18.05 13.15
C HIS C 106 -4.38 17.81 11.75
N TRP C 107 -5.64 18.00 11.48
CA TRP C 107 -6.14 17.84 10.09
C TRP C 107 -7.12 19.00 9.89
N SER C 108 -7.37 19.39 8.69
CA SER C 108 -8.41 20.41 8.40
C SER C 108 -8.86 20.11 6.98
N GLY C 109 -10.07 20.45 6.55
CA GLY C 109 -10.45 20.13 5.18
C GLY C 109 -11.77 19.47 4.98
N SER C 110 -12.10 19.30 3.63
CA SER C 110 -13.44 18.59 3.49
C SER C 110 -13.29 17.14 3.24
N LEU C 111 -14.23 16.29 3.61
CA LEU C 111 -14.16 14.83 3.41
C LEU C 111 -15.16 14.45 2.32
N ARG C 112 -14.81 13.37 1.60
CA ARG C 112 -15.89 13.01 0.61
C ARG C 112 -16.36 11.64 1.01
N PHE C 113 -17.63 11.49 1.34
CA PHE C 113 -18.25 10.19 1.74
C PHE C 113 -19.18 9.70 0.67
N SER C 114 -19.01 8.66 -0.02
CA SER C 114 -19.92 8.19 -1.08
C SER C 114 -20.46 6.82 -0.76
N LEU C 115 -21.56 6.44 -1.31
CA LEU C 115 -22.26 5.16 -1.06
C LEU C 115 -22.50 4.53 -2.42
N MET C 116 -22.11 3.31 -2.66
CA MET C 116 -22.45 2.73 -4.04
C MET C 116 -23.54 1.70 -3.79
N TYR C 117 -24.64 1.71 -4.49
CA TYR C 117 -25.75 0.75 -4.26
C TYR C 117 -25.54 -0.53 -5.06
N THR C 118 -25.81 -1.70 -4.45
CA THR C 118 -25.59 -2.98 -5.10
C THR C 118 -26.83 -3.83 -5.30
N GLY C 119 -28.02 -3.33 -4.96
CA GLY C 119 -29.29 -4.09 -5.14
C GLY C 119 -29.64 -4.40 -6.57
N PRO C 120 -30.55 -5.37 -6.78
CA PRO C 120 -30.96 -5.68 -8.20
C PRO C 120 -31.27 -4.38 -8.93
N ALA C 121 -30.96 -4.42 -10.23
CA ALA C 121 -31.29 -3.33 -11.10
C ALA C 121 -32.78 -2.97 -11.13
N LEU C 122 -33.72 -3.85 -11.00
CA LEU C 122 -35.17 -3.58 -11.05
C LEU C 122 -35.75 -3.11 -9.71
N SER C 123 -34.89 -2.78 -8.74
CA SER C 123 -35.39 -2.25 -7.46
C SER C 123 -35.25 -0.73 -7.44
N SER C 124 -35.68 -0.07 -6.40
CA SER C 124 -35.53 1.42 -6.42
C SER C 124 -35.46 1.90 -5.00
N ALA C 125 -34.98 3.06 -4.70
CA ALA C 125 -34.92 3.47 -3.27
C ALA C 125 -34.58 4.95 -3.25
N LYS C 126 -34.93 5.66 -2.22
CA LYS C 126 -34.53 7.06 -2.01
C LYS C 126 -34.07 7.14 -0.51
N LEU C 127 -32.82 7.50 -0.34
CA LEU C 127 -32.19 7.67 0.92
C LEU C 127 -31.79 9.12 1.14
N ILE C 128 -31.70 9.53 2.37
CA ILE C 128 -31.19 10.90 2.72
C ILE C 128 -29.89 10.76 3.54
N LEU C 129 -28.80 11.39 3.19
CA LEU C 129 -27.60 11.30 4.02
C LEU C 129 -27.51 12.69 4.73
N ALA C 130 -27.17 12.74 5.97
CA ALA C 130 -27.16 14.03 6.65
C ALA C 130 -25.86 14.15 7.40
N TYR C 131 -25.20 15.29 7.34
CA TYR C 131 -24.02 15.67 8.10
C TYR C 131 -24.50 16.61 9.22
N THR C 132 -24.20 16.38 10.45
CA THR C 132 -24.70 17.29 11.55
C THR C 132 -23.48 18.01 12.09
N PRO C 133 -23.34 19.28 11.95
CA PRO C 133 -22.11 20.01 12.37
C PRO C 133 -22.05 20.05 13.89
N PRO C 134 -20.88 20.21 14.40
CA PRO C 134 -20.57 20.09 15.84
C PRO C 134 -21.49 20.94 16.64
N GLY C 135 -21.92 20.50 17.83
CA GLY C 135 -22.81 21.42 18.59
C GLY C 135 -24.13 20.85 18.87
N ALA C 136 -24.60 19.95 18.07
CA ALA C 136 -25.92 19.25 18.30
C ALA C 136 -25.64 17.79 18.55
N ARG C 137 -26.55 16.98 18.98
CA ARG C 137 -26.37 15.54 19.18
C ARG C 137 -26.53 14.79 17.86
N GLY C 138 -26.12 13.53 17.89
CA GLY C 138 -26.39 12.70 16.61
C GLY C 138 -27.93 12.79 16.50
N PRO C 139 -28.40 13.04 15.29
CA PRO C 139 -29.86 13.17 15.07
C PRO C 139 -30.50 11.83 15.47
N GLN C 140 -31.66 11.95 15.99
CA GLN C 140 -32.51 10.88 16.41
C GLN C 140 -33.63 10.49 15.53
N ASP C 141 -33.98 11.18 14.53
CA ASP C 141 -35.03 10.87 13.55
C ASP C 141 -34.72 11.79 12.36
N ARG C 142 -35.22 11.46 11.23
CA ARG C 142 -34.92 12.18 9.96
C ARG C 142 -35.30 13.62 10.10
N ARG C 143 -36.29 13.89 10.96
CA ARG C 143 -36.74 15.32 10.92
C ARG C 143 -35.55 16.09 11.47
N GLU C 144 -35.05 15.48 12.50
CA GLU C 144 -33.92 16.16 13.14
C GLU C 144 -32.78 16.18 12.17
N ALA C 145 -32.60 15.07 11.44
CA ALA C 145 -31.41 14.94 10.56
C ALA C 145 -31.47 15.89 9.38
N MET C 146 -32.62 16.02 8.81
CA MET C 146 -32.81 16.78 7.56
C MET C 146 -32.58 18.24 7.78
N LEU C 147 -32.45 18.80 8.97
CA LEU C 147 -32.23 20.24 9.16
C LEU C 147 -30.75 20.66 9.04
N GLY C 148 -29.85 19.80 8.74
CA GLY C 148 -28.41 20.02 8.63
C GLY C 148 -28.05 19.58 7.20
N THR C 149 -26.77 19.51 6.92
CA THR C 149 -26.25 19.21 5.58
C THR C 149 -26.79 17.89 5.13
N HIS C 150 -27.43 17.85 4.01
CA HIS C 150 -28.04 16.52 3.63
C HIS C 150 -28.14 16.42 2.13
N VAL C 151 -28.30 15.29 1.51
CA VAL C 151 -28.47 15.04 0.09
C VAL C 151 -29.59 14.00 -0.09
N VAL C 152 -30.67 14.25 -0.78
CA VAL C 152 -31.62 13.11 -1.05
C VAL C 152 -31.00 12.33 -2.17
N TRP C 153 -30.70 11.10 -2.00
CA TRP C 153 -30.05 10.26 -3.05
C TRP C 153 -31.07 9.48 -3.82
N ASP C 154 -31.18 9.52 -5.10
CA ASP C 154 -32.28 8.70 -5.77
C ASP C 154 -31.51 7.57 -6.42
N ILE C 155 -31.76 6.36 -6.07
CA ILE C 155 -30.98 5.17 -6.61
C ILE C 155 -31.36 4.96 -8.02
N GLY C 156 -30.36 5.03 -8.92
CA GLY C 156 -30.69 4.90 -10.33
C GLY C 156 -29.57 4.18 -11.06
N LEU C 157 -29.53 4.54 -12.33
CA LEU C 157 -28.56 4.03 -13.27
C LEU C 157 -27.18 4.34 -12.77
N GLN C 158 -26.98 5.54 -12.44
CA GLN C 158 -25.79 6.08 -11.71
C GLN C 158 -25.85 5.51 -10.30
N SER C 159 -24.86 4.61 -10.10
CA SER C 159 -24.83 3.75 -8.93
C SER C 159 -24.36 4.36 -7.66
N THR C 160 -23.45 5.33 -7.66
CA THR C 160 -22.89 5.97 -6.48
C THR C 160 -23.31 7.38 -6.28
N ILE C 161 -23.34 7.87 -5.09
CA ILE C 161 -23.66 9.17 -4.66
C ILE C 161 -22.45 9.64 -3.80
N VAL C 162 -21.98 10.81 -4.03
CA VAL C 162 -20.87 11.39 -3.35
C VAL C 162 -21.32 12.53 -2.47
N MET C 163 -21.34 12.36 -1.19
CA MET C 163 -21.68 13.38 -0.24
C MET C 163 -20.38 14.04 0.22
N THR C 164 -20.36 15.29 0.37
CA THR C 164 -19.09 15.99 0.88
C THR C 164 -19.34 16.43 2.27
N ILE C 165 -18.50 16.24 3.22
CA ILE C 165 -18.75 16.87 4.61
C ILE C 165 -18.00 18.16 4.55
N PRO C 166 -18.62 19.25 4.17
CA PRO C 166 -17.84 20.53 4.04
C PRO C 166 -17.23 20.91 5.34
N TRP C 167 -16.03 21.47 5.35
CA TRP C 167 -15.36 21.90 6.58
C TRP C 167 -16.20 22.99 7.31
N THR C 168 -16.86 22.58 8.39
CA THR C 168 -17.59 23.48 9.26
C THR C 168 -16.86 23.62 10.57
N SER C 169 -16.21 24.75 10.82
CA SER C 169 -15.41 24.86 12.03
C SER C 169 -15.08 26.24 12.46
N GLY C 170 -14.96 26.43 13.76
CA GLY C 170 -14.55 27.73 14.32
C GLY C 170 -12.99 27.72 14.12
N VAL C 171 -12.33 26.95 14.93
CA VAL C 171 -10.91 26.66 14.97
C VAL C 171 -10.55 26.08 13.61
N GLN C 172 -9.44 26.49 13.06
CA GLN C 172 -9.03 26.02 11.70
C GLN C 172 -8.36 24.72 11.66
N PHE C 173 -8.08 24.08 12.74
CA PHE C 173 -7.53 22.68 12.72
C PHE C 173 -8.19 21.91 13.84
N ARG C 174 -8.32 20.68 13.65
CA ARG C 174 -8.87 19.73 14.65
C ARG C 174 -7.77 18.72 14.93
N TYR C 175 -7.89 18.08 16.04
CA TYR C 175 -6.95 16.95 16.36
C TYR C 175 -7.34 15.66 15.67
N THR C 176 -6.39 14.85 15.16
CA THR C 176 -6.80 13.56 14.55
C THR C 176 -7.21 12.58 15.63
N ASP C 177 -6.55 12.61 16.72
CA ASP C 177 -6.94 11.73 17.90
C ASP C 177 -8.16 12.38 18.48
N PRO C 178 -9.17 11.65 18.83
CA PRO C 178 -10.50 12.27 19.14
C PRO C 178 -10.40 13.08 20.39
N ASP C 179 -10.91 14.28 20.27
CA ASP C 179 -11.03 15.17 21.42
C ASP C 179 -12.22 16.10 21.14
N THR C 180 -12.76 16.56 22.22
CA THR C 180 -14.05 17.23 22.27
C THR C 180 -14.20 18.59 21.62
N TYR C 181 -13.36 19.48 22.08
CA TYR C 181 -13.45 20.90 21.70
C TYR C 181 -13.44 20.96 20.16
N THR C 182 -12.51 20.16 19.67
CA THR C 182 -12.17 19.89 18.31
C THR C 182 -13.03 18.88 17.63
N SER C 183 -14.24 18.60 18.06
CA SER C 183 -14.98 17.45 17.43
C SER C 183 -15.67 17.81 16.17
N ALA C 184 -15.92 16.95 15.19
CA ALA C 184 -16.50 17.34 13.94
C ALA C 184 -17.90 17.09 13.61
N GLY C 185 -18.74 16.49 14.41
CA GLY C 185 -20.14 16.19 14.00
C GLY C 185 -20.51 14.72 13.89
N PHE C 186 -21.60 14.45 13.24
CA PHE C 186 -22.12 13.16 13.03
C PHE C 186 -22.56 13.01 11.57
N LEU C 187 -22.65 11.76 11.19
CA LEU C 187 -23.12 11.47 9.79
C LEU C 187 -24.23 10.48 9.92
N SER C 188 -25.42 10.63 9.46
CA SER C 188 -26.48 9.60 9.59
C SER C 188 -27.11 9.37 8.24
N CYS C 189 -27.92 8.34 8.06
CA CYS C 189 -28.58 8.06 6.72
C CYS C 189 -29.94 7.42 7.04
N TRP C 190 -31.04 7.79 6.39
CA TRP C 190 -32.39 7.33 6.68
C TRP C 190 -33.11 7.01 5.43
N TYR C 191 -34.16 6.24 5.44
CA TYR C 191 -34.98 6.03 4.21
C TYR C 191 -35.71 7.32 3.91
N GLN C 192 -35.73 7.78 2.69
CA GLN C 192 -36.40 9.05 2.31
C GLN C 192 -37.82 8.65 1.88
N THR C 193 -37.83 7.57 1.13
CA THR C 193 -39.13 6.92 0.83
C THR C 193 -38.88 5.48 1.30
N SER C 194 -38.29 4.63 0.52
CA SER C 194 -38.04 3.26 1.09
C SER C 194 -37.49 2.38 0.04
N LEU C 195 -36.81 1.27 0.32
CA LEU C 195 -36.27 0.39 -0.75
C LEU C 195 -37.41 -0.47 -1.28
N ILE C 196 -37.52 -0.74 -2.53
CA ILE C 196 -38.66 -1.58 -3.07
C ILE C 196 -38.11 -2.67 -3.91
N LEU C 197 -38.26 -3.94 -3.67
CA LEU C 197 -37.55 -4.96 -4.55
C LEU C 197 -38.51 -5.40 -5.64
N PRO C 198 -38.02 -5.80 -6.78
CA PRO C 198 -38.94 -6.32 -7.83
C PRO C 198 -39.45 -7.66 -7.39
N PRO C 199 -40.48 -8.16 -8.05
CA PRO C 199 -40.98 -9.51 -7.86
C PRO C 199 -39.86 -10.54 -7.99
N GLU C 200 -40.09 -11.70 -7.40
CA GLU C 200 -39.17 -12.84 -7.56
C GLU C 200 -37.87 -12.54 -6.89
N THR C 201 -37.84 -11.53 -6.08
CA THR C 201 -36.59 -11.12 -5.42
C THR C 201 -36.75 -11.03 -3.95
N THR C 202 -35.69 -11.28 -3.21
CA THR C 202 -35.92 -11.17 -1.72
C THR C 202 -34.75 -10.96 -0.84
N GLY C 203 -35.10 -10.50 0.38
CA GLY C 203 -33.98 -10.29 1.32
C GLY C 203 -33.38 -8.94 1.41
N GLN C 204 -32.14 -8.90 1.94
CA GLN C 204 -31.43 -7.63 2.17
C GLN C 204 -30.60 -7.23 0.95
N VAL C 205 -30.48 -5.95 0.77
CA VAL C 205 -29.53 -5.48 -0.33
C VAL C 205 -28.46 -4.73 0.44
N TYR C 206 -27.25 -4.53 -0.10
CA TYR C 206 -26.28 -3.76 0.67
C TYR C 206 -25.73 -2.57 -0.05
N LEU C 207 -25.31 -1.58 0.67
CA LEU C 207 -24.60 -0.41 0.15
C LEU C 207 -23.09 -0.63 0.53
N LEU C 208 -22.18 -0.30 -0.32
CA LEU C 208 -20.77 -0.22 0.02
C LEU C 208 -20.49 1.26 0.34
N SER C 209 -19.64 1.58 1.27
CA SER C 209 -19.41 3.07 1.50
C SER C 209 -17.94 3.38 1.42
N PHE C 210 -17.53 4.48 0.79
CA PHE C 210 -16.10 4.82 0.72
C PHE C 210 -15.78 6.11 1.45
N ILE C 211 -14.52 6.40 1.78
CA ILE C 211 -14.10 7.70 2.27
C ILE C 211 -12.74 8.09 1.62
N SER C 212 -12.60 9.30 1.24
CA SER C 212 -11.41 9.97 0.72
C SER C 212 -11.46 11.46 1.08
N ALA C 213 -10.37 12.16 1.00
CA ALA C 213 -10.28 13.57 1.37
C ALA C 213 -10.45 14.48 0.20
N CYS C 214 -11.07 15.60 0.32
CA CYS C 214 -11.16 16.61 -0.79
C CYS C 214 -9.81 17.26 -0.95
N PRO C 215 -9.64 18.03 -2.03
CA PRO C 215 -8.37 18.65 -2.36
C PRO C 215 -8.06 19.79 -1.43
N ASP C 216 -8.84 20.22 -0.58
CA ASP C 216 -9.10 21.11 0.47
C ASP C 216 -8.26 20.85 1.68
N PHE C 217 -8.03 19.56 1.91
CA PHE C 217 -7.44 18.91 3.05
C PHE C 217 -6.06 19.32 3.46
N LYS C 218 -5.75 19.44 4.68
CA LYS C 218 -4.42 19.73 5.23
C LYS C 218 -4.18 18.82 6.41
N LEU C 219 -3.02 18.34 6.59
CA LEU C 219 -2.57 17.44 7.68
C LEU C 219 -1.23 18.08 8.14
N ARG C 220 -0.92 18.15 9.36
CA ARG C 220 0.33 18.72 9.83
C ARG C 220 0.75 18.17 11.16
N LEU C 221 2.03 18.38 11.50
CA LEU C 221 2.72 17.97 12.69
C LEU C 221 2.77 16.43 12.83
N MET C 222 3.73 15.91 12.12
CA MET C 222 3.91 14.42 12.08
C MET C 222 4.24 13.87 13.45
N LYS C 223 3.77 12.69 13.67
CA LYS C 223 3.98 11.91 14.87
C LYS C 223 3.81 10.42 14.56
N ASP C 224 3.97 9.65 15.60
CA ASP C 224 3.95 8.18 15.55
C ASP C 224 2.55 7.62 15.63
N THR C 225 2.28 6.52 14.97
CA THR C 225 0.90 6.00 14.87
C THR C 225 0.68 5.02 16.00
N GLN C 226 -0.52 5.05 16.55
CA GLN C 226 -0.92 4.09 17.55
C GLN C 226 -1.22 2.78 16.80
N THR C 227 -1.23 2.79 15.51
CA THR C 227 -1.58 1.57 14.80
C THR C 227 -0.56 0.54 14.65
N ILE C 228 0.57 0.56 15.25
CA ILE C 228 1.62 -0.47 15.13
C ILE C 228 2.63 -0.45 16.23
N SER C 229 2.92 -1.62 16.75
CA SER C 229 3.88 -1.65 17.93
C SER C 229 4.58 -3.00 17.94
N GLN C 230 5.40 -3.24 18.95
CA GLN C 230 6.15 -4.53 18.89
C GLN C 230 6.73 -4.75 20.24
N THR C 231 7.08 -6.02 20.53
CA THR C 231 7.70 -6.28 21.84
C THR C 231 9.11 -6.77 21.64
N VAL C 232 9.49 -7.44 20.63
CA VAL C 232 11.00 -7.73 20.54
C VAL C 232 11.41 -7.46 19.13
N ALA C 233 12.70 -7.22 18.91
CA ALA C 233 13.04 -6.91 17.47
C ALA C 233 12.75 -8.15 16.63
N LEU C 234 12.30 -7.97 15.43
CA LEU C 234 12.11 -9.16 14.54
C LEU C 234 13.49 -9.61 14.07
N THR C 235 13.53 -10.83 13.58
CA THR C 235 14.77 -11.38 12.93
C THR C 235 14.38 -12.12 11.66
N GLU C 236 15.40 -12.61 10.95
CA GLU C 236 15.11 -13.26 9.61
C GLU C 236 14.66 -14.69 9.88
N ILE D 29 26.07 25.78 0.72
CA ILE D 29 27.46 25.29 0.47
C ILE D 29 27.74 23.82 0.72
N ASN D 30 28.05 23.05 -0.29
CA ASN D 30 28.31 21.61 0.05
C ASN D 30 29.72 21.54 0.53
N TYR D 31 30.04 20.93 1.65
CA TYR D 31 31.45 20.79 2.07
C TYR D 31 32.12 19.52 1.56
N TYR D 32 31.27 18.66 1.04
CA TYR D 32 31.67 17.32 0.65
C TYR D 32 31.47 17.08 -0.83
N LYS D 33 32.28 16.14 -1.34
CA LYS D 33 32.35 15.88 -2.75
C LYS D 33 31.25 15.05 -3.34
N ASP D 34 30.71 14.10 -2.61
CA ASP D 34 29.73 13.15 -3.13
C ASP D 34 28.34 13.62 -2.98
N ALA D 35 27.40 13.21 -3.86
CA ALA D 35 26.03 13.75 -3.72
C ALA D 35 25.28 13.15 -2.57
N ALA D 36 25.71 12.01 -2.08
CA ALA D 36 24.91 11.34 -1.05
C ALA D 36 25.11 12.14 0.21
N SER D 37 26.08 13.05 0.09
CA SER D 37 26.43 13.59 1.47
C SER D 37 25.69 14.82 1.72
N THR D 38 24.90 15.27 0.77
CA THR D 38 24.13 16.54 0.89
C THR D 38 22.89 16.33 1.72
N SER D 39 22.31 17.43 2.17
CA SER D 39 21.16 17.31 3.10
C SER D 39 19.93 16.96 2.27
N SER D 40 18.84 16.90 3.02
CA SER D 40 17.54 16.39 2.51
C SER D 40 17.16 17.19 1.27
N ALA D 41 16.32 16.57 0.44
CA ALA D 41 15.96 17.15 -0.81
C ALA D 41 15.07 18.31 -0.91
N GLY D 42 14.20 18.92 -0.18
CA GLY D 42 13.42 20.11 -0.97
C GLY D 42 12.16 19.49 -1.53
N GLN D 43 11.04 20.31 -1.49
CA GLN D 43 9.69 19.73 -1.72
C GLN D 43 9.28 19.66 -3.19
N SER D 44 9.02 18.33 -3.48
CA SER D 44 8.64 17.92 -4.79
C SER D 44 7.81 19.06 -5.44
N LEU D 45 6.89 19.37 -4.49
CA LEU D 45 5.93 20.45 -5.08
C LEU D 45 5.55 19.92 -6.49
N SER D 46 5.41 18.47 -6.47
CA SER D 46 4.94 17.93 -7.79
C SER D 46 3.44 17.73 -7.69
N MET D 47 2.98 16.72 -6.98
CA MET D 47 1.55 16.58 -6.72
C MET D 47 0.59 16.44 -7.85
N ASP D 48 0.24 15.22 -8.23
CA ASP D 48 -0.72 14.92 -9.27
C ASP D 48 -1.40 13.58 -8.99
N PRO D 49 -2.51 13.70 -8.30
CA PRO D 49 -3.22 12.50 -7.85
C PRO D 49 -3.87 11.82 -9.00
N SER D 50 -3.98 12.33 -10.14
CA SER D 50 -4.79 11.65 -11.17
C SER D 50 -4.21 10.31 -11.50
N LYS D 51 -2.98 10.00 -11.39
CA LYS D 51 -2.60 8.59 -11.76
C LYS D 51 -3.28 7.59 -10.84
N PHE D 52 -3.58 7.97 -9.63
CA PHE D 52 -4.24 7.18 -8.60
C PHE D 52 -5.72 7.42 -8.58
N THR D 53 -6.22 8.61 -8.72
CA THR D 53 -7.68 8.84 -8.57
C THR D 53 -8.49 8.73 -9.83
N GLU D 54 -7.94 8.83 -10.99
CA GLU D 54 -8.63 8.77 -12.24
C GLU D 54 -7.84 8.07 -13.31
N PRO D 55 -7.46 6.81 -13.07
CA PRO D 55 -6.74 6.08 -14.11
C PRO D 55 -7.71 5.52 -15.11
N VAL D 56 -8.80 6.20 -15.50
CA VAL D 56 -9.71 5.57 -16.49
C VAL D 56 -9.26 5.84 -17.90
N LYS D 57 -9.57 4.98 -18.83
CA LYS D 57 -9.12 5.05 -20.20
C LYS D 57 -9.89 6.16 -20.87
N ASP D 58 -11.17 6.25 -20.88
CA ASP D 58 -11.93 7.33 -21.46
C ASP D 58 -12.28 8.29 -20.26
N LEU D 59 -11.87 9.50 -20.46
CA LEU D 59 -11.97 10.63 -19.61
C LEU D 59 -13.41 10.86 -19.10
N MET D 60 -13.47 11.09 -17.83
CA MET D 60 -14.80 11.29 -17.21
C MET D 60 -14.94 12.73 -16.87
N LEU D 61 -15.99 13.44 -17.33
CA LEU D 61 -16.18 14.84 -16.84
C LEU D 61 -17.14 15.01 -15.73
N LYS D 62 -16.73 15.65 -14.70
CA LYS D 62 -17.67 15.77 -13.48
C LYS D 62 -18.96 16.41 -13.84
N GLY D 63 -20.13 15.79 -13.71
CA GLY D 63 -21.33 16.66 -14.09
C GLY D 63 -21.94 15.98 -15.28
N ALA D 64 -21.10 15.46 -16.13
CA ALA D 64 -21.66 14.60 -17.20
C ALA D 64 -21.97 13.26 -16.54
N PRO D 65 -22.90 12.52 -17.09
CA PRO D 65 -23.25 11.19 -16.62
C PRO D 65 -22.02 10.27 -16.60
N ALA D 66 -21.90 9.48 -15.58
CA ALA D 66 -20.83 8.48 -15.46
C ALA D 66 -20.91 7.45 -16.58
N LEU D 67 -22.11 6.90 -16.74
CA LEU D 67 -22.24 5.83 -17.81
C LEU D 67 -23.32 6.35 -18.76
N ASN D 68 -22.96 6.45 -19.96
CA ASN D 68 -23.71 6.96 -21.11
C ASN D 68 -24.21 5.70 -21.86
#